data_8IMQ
#
_entry.id   8IMQ
#
_entity_poly.entity_id   1
_entity_poly.type   'polypeptide(L)'
_entity_poly.pdbx_seq_one_letter_code
;MTMYATLEEAIDAAREEFLADNPGIDAEDANVQQFNAQKYVLQDGDIMWQVEFFADEGEEGECLPMLSGEAAQSVFDGDY
DEIEIRQEWQEENTLHEWDEGEFQLEPPLDTEEGRAAADEWDER
;
_entity_poly.pdbx_strand_id   A
#
# COMPACT_ATOMS: atom_id res chain seq x y z
N MET A 1 5.82 -6.67 1.88
CA MET A 1 7.15 -6.23 1.42
C MET A 1 7.31 -6.46 -0.09
N THR A 2 6.29 -6.10 -0.84
CA THR A 2 6.37 -6.15 -2.30
C THR A 2 6.47 -4.72 -2.84
N MET A 3 7.68 -4.16 -2.77
CA MET A 3 7.92 -2.78 -3.17
C MET A 3 7.55 -2.53 -4.64
N TYR A 4 6.71 -1.51 -4.83
CA TYR A 4 6.36 -1.02 -6.16
C TYR A 4 7.23 0.17 -6.53
N ALA A 5 6.80 0.98 -7.48
CA ALA A 5 7.56 2.17 -7.84
C ALA A 5 7.26 3.31 -6.87
N THR A 6 5.98 3.68 -6.76
CA THR A 6 5.57 4.83 -5.96
C THR A 6 4.18 4.65 -5.36
N LEU A 7 3.73 5.65 -4.57
CA LEU A 7 2.38 5.69 -4.04
C LEU A 7 1.36 5.77 -5.17
N GLU A 8 1.60 6.66 -6.11
CA GLU A 8 0.72 6.85 -7.27
C GLU A 8 0.70 5.60 -8.16
N GLU A 9 1.79 4.85 -8.13
CA GLU A 9 1.98 3.71 -9.00
C GLU A 9 1.18 2.48 -8.55
N ALA A 10 1.36 2.09 -7.30
CA ALA A 10 0.90 0.78 -6.82
C ALA A 10 -0.60 0.59 -7.00
N ILE A 11 -1.37 1.64 -6.80
CA ILE A 11 -2.82 1.57 -6.95
C ILE A 11 -3.19 1.18 -8.38
N ASP A 12 -2.53 1.81 -9.35
CA ASP A 12 -2.79 1.53 -10.76
C ASP A 12 -2.20 0.18 -11.16
N ALA A 13 -1.07 -0.15 -10.60
CA ALA A 13 -0.41 -1.42 -10.92
C ALA A 13 -1.18 -2.60 -10.34
N ALA A 14 -1.72 -2.44 -9.14
CA ALA A 14 -2.40 -3.54 -8.46
C ALA A 14 -3.66 -3.95 -9.22
N ARG A 15 -4.43 -2.95 -9.64
CA ARG A 15 -5.61 -3.19 -10.46
C ARG A 15 -5.19 -3.79 -11.80
N GLU A 16 -4.10 -3.28 -12.35
CA GLU A 16 -3.62 -3.69 -13.67
C GLU A 16 -3.11 -5.13 -13.65
N GLU A 17 -2.24 -5.45 -12.70
CA GLU A 17 -1.66 -6.79 -12.59
C GLU A 17 -2.74 -7.84 -12.39
N PHE A 18 -3.77 -7.48 -11.63
CA PHE A 18 -4.88 -8.38 -11.40
C PHE A 18 -5.57 -8.70 -12.72
N LEU A 19 -5.98 -7.66 -13.45
CA LEU A 19 -6.61 -7.85 -14.76
C LEU A 19 -5.67 -8.57 -15.73
N ALA A 20 -4.38 -8.36 -15.55
CA ALA A 20 -3.38 -8.98 -16.41
C ALA A 20 -3.44 -10.51 -16.31
N ASP A 21 -3.93 -11.01 -15.18
CA ASP A 21 -4.00 -12.45 -14.96
C ASP A 21 -5.36 -13.00 -15.39
N ASN A 22 -6.36 -12.13 -15.39
CA ASN A 22 -7.74 -12.53 -15.67
C ASN A 22 -8.60 -11.30 -15.97
N PRO A 23 -8.66 -10.88 -17.23
CA PRO A 23 -9.45 -9.73 -17.66
C PRO A 23 -10.94 -9.94 -17.46
N GLY A 24 -11.63 -8.90 -16.98
CA GLY A 24 -13.06 -8.96 -16.84
C GLY A 24 -13.50 -9.20 -15.42
N ILE A 25 -12.54 -9.35 -14.52
CA ILE A 25 -12.85 -9.64 -13.13
C ILE A 25 -13.29 -8.39 -12.38
N ASP A 26 -13.14 -7.22 -13.01
CA ASP A 26 -13.68 -5.98 -12.47
C ASP A 26 -15.22 -6.08 -12.37
N ALA A 27 -15.91 -4.95 -12.26
CA ALA A 27 -17.36 -4.93 -12.09
C ALA A 27 -18.08 -5.71 -13.20
N GLU A 28 -17.33 -6.08 -14.23
CA GLU A 28 -17.84 -6.86 -15.34
C GLU A 28 -18.29 -8.24 -14.87
N ASP A 29 -17.46 -8.92 -14.09
CA ASP A 29 -17.77 -10.28 -13.64
C ASP A 29 -17.81 -10.40 -12.12
N ALA A 30 -16.80 -9.84 -11.45
CA ALA A 30 -16.72 -9.96 -10.00
C ALA A 30 -16.85 -8.61 -9.32
N ASN A 31 -17.51 -8.57 -8.17
CA ASN A 31 -17.66 -7.33 -7.44
C ASN A 31 -16.43 -7.08 -6.57
N VAL A 32 -15.37 -6.58 -7.19
CA VAL A 32 -14.12 -6.35 -6.49
C VAL A 32 -14.16 -5.04 -5.73
N GLN A 33 -14.90 -5.01 -4.63
CA GLN A 33 -14.89 -3.81 -3.82
C GLN A 33 -13.99 -4.03 -2.63
N GLN A 34 -12.85 -3.37 -2.63
CA GLN A 34 -12.00 -3.26 -1.46
C GLN A 34 -10.87 -2.29 -1.75
N PHE A 35 -10.44 -1.55 -0.75
CA PHE A 35 -9.19 -0.84 -0.87
C PHE A 35 -8.25 -1.32 0.23
N ASN A 36 -7.23 -2.05 -0.18
CA ASN A 36 -6.23 -2.58 0.74
C ASN A 36 -4.85 -2.09 0.33
N ALA A 37 -4.10 -1.56 1.28
CA ALA A 37 -2.75 -1.11 1.01
C ALA A 37 -1.86 -1.24 2.23
N GLN A 38 -0.64 -1.72 2.04
CA GLN A 38 0.35 -1.81 3.11
C GLN A 38 1.75 -1.66 2.55
N LYS A 39 2.66 -1.13 3.36
CA LYS A 39 4.02 -0.91 2.93
C LYS A 39 4.98 -0.87 4.11
N TYR A 40 5.99 -1.72 4.08
CA TYR A 40 6.96 -1.73 5.16
C TYR A 40 8.37 -1.57 4.61
N VAL A 41 8.97 -0.42 4.92
CA VAL A 41 10.33 -0.11 4.51
C VAL A 41 10.98 0.75 5.60
N LEU A 42 12.29 0.76 5.63
CA LEU A 42 13.07 1.52 6.62
C LEU A 42 12.89 3.03 6.49
N GLN A 43 13.58 3.76 7.37
CA GLN A 43 13.35 5.20 7.63
C GLN A 43 13.33 6.06 6.37
N ASP A 44 14.01 5.62 5.32
CA ASP A 44 14.16 6.43 4.12
C ASP A 44 12.80 6.61 3.45
N GLY A 45 11.90 5.69 3.77
CA GLY A 45 10.52 5.83 3.39
C GLY A 45 10.20 5.27 2.03
N ASP A 46 11.27 5.11 1.20
CA ASP A 46 11.19 4.59 -0.17
C ASP A 46 9.78 4.65 -0.69
N ILE A 47 9.38 5.79 -1.24
CA ILE A 47 8.00 5.97 -1.58
C ILE A 47 7.51 4.96 -2.60
N MET A 48 6.93 3.92 -2.06
CA MET A 48 6.23 2.89 -2.77
C MET A 48 5.30 2.23 -1.77
N TRP A 49 4.48 1.29 -2.19
CA TRP A 49 3.62 0.58 -1.27
C TRP A 49 2.91 -0.56 -2.00
N GLN A 50 2.22 -1.41 -1.26
CA GLN A 50 1.48 -2.51 -1.88
C GLN A 50 -0.02 -2.24 -1.82
N VAL A 51 -0.73 -2.67 -2.85
CA VAL A 51 -2.18 -2.50 -2.91
C VAL A 51 -2.84 -3.82 -3.27
N GLU A 52 -3.95 -4.11 -2.63
CA GLU A 52 -4.65 -5.37 -2.80
C GLU A 52 -6.17 -5.15 -2.86
N PHE A 53 -6.87 -6.15 -3.37
CA PHE A 53 -8.32 -6.11 -3.51
C PHE A 53 -8.90 -7.49 -3.21
N PHE A 54 -10.18 -7.53 -2.82
CA PHE A 54 -10.93 -8.79 -2.79
C PHE A 54 -12.33 -8.57 -3.34
N ALA A 55 -13.04 -9.65 -3.64
CA ALA A 55 -14.28 -9.58 -4.41
C ALA A 55 -15.52 -9.65 -3.54
N ASP A 56 -15.38 -9.54 -2.23
CA ASP A 56 -16.54 -9.40 -1.38
C ASP A 56 -16.25 -8.38 -0.29
N GLU A 57 -16.89 -7.22 -0.40
CA GLU A 57 -16.65 -6.11 0.52
C GLU A 57 -16.90 -6.55 1.96
N GLY A 58 -15.87 -6.42 2.80
CA GLY A 58 -16.01 -6.79 4.19
C GLY A 58 -15.20 -8.02 4.53
N GLU A 59 -14.62 -8.65 3.52
CA GLU A 59 -13.68 -9.75 3.72
C GLU A 59 -12.36 -9.22 4.28
N GLU A 60 -11.27 -9.94 4.09
CA GLU A 60 -10.01 -9.54 4.69
C GLU A 60 -8.85 -9.52 3.71
N GLY A 61 -8.17 -8.39 3.67
CA GLY A 61 -6.92 -8.28 2.97
C GLY A 61 -5.80 -8.00 3.95
N GLU A 62 -4.58 -8.44 3.63
CA GLU A 62 -3.46 -8.29 4.56
C GLU A 62 -2.90 -6.87 4.53
N CYS A 63 -3.78 -5.89 4.55
CA CYS A 63 -3.37 -4.51 4.39
C CYS A 63 -4.27 -3.60 5.22
N LEU A 64 -4.16 -2.30 4.97
CA LEU A 64 -5.04 -1.32 5.58
C LEU A 64 -6.35 -1.22 4.80
N PRO A 65 -7.46 -1.70 5.39
CA PRO A 65 -8.80 -1.57 4.82
C PRO A 65 -9.31 -0.14 4.93
N MET A 66 -9.47 0.53 3.79
CA MET A 66 -9.94 1.90 3.80
C MET A 66 -11.34 2.02 3.19
N LEU A 67 -11.45 1.60 1.94
CA LEU A 67 -12.67 1.77 1.19
C LEU A 67 -13.29 0.41 0.93
N SER A 68 -14.61 0.35 0.98
CA SER A 68 -15.31 -0.88 0.70
C SER A 68 -16.66 -0.56 0.04
N GLY A 69 -16.84 -1.09 -1.15
CA GLY A 69 -18.03 -0.79 -1.91
C GLY A 69 -17.68 -0.42 -3.33
N GLU A 70 -18.65 0.12 -4.07
CA GLU A 70 -18.47 0.41 -5.48
C GLU A 70 -17.33 1.39 -5.73
N ALA A 71 -16.96 2.19 -4.73
CA ALA A 71 -15.90 3.17 -4.91
C ALA A 71 -14.56 2.46 -4.96
N ALA A 72 -14.42 1.44 -4.13
CA ALA A 72 -13.23 0.61 -4.13
C ALA A 72 -13.16 -0.23 -5.40
N GLN A 73 -14.33 -0.60 -5.91
CA GLN A 73 -14.41 -1.35 -7.16
C GLN A 73 -14.00 -0.47 -8.34
N SER A 74 -14.41 0.78 -8.31
CA SER A 74 -13.98 1.72 -9.34
C SER A 74 -12.47 1.95 -9.24
N VAL A 75 -11.92 1.77 -8.04
CA VAL A 75 -10.49 1.77 -7.84
C VAL A 75 -9.85 0.61 -8.62
N PHE A 76 -10.53 -0.55 -8.64
CA PHE A 76 -10.08 -1.69 -9.42
C PHE A 76 -10.18 -1.38 -10.91
N ASP A 77 -11.25 -0.68 -11.27
CA ASP A 77 -11.47 -0.24 -12.65
C ASP A 77 -10.41 0.79 -13.06
N GLY A 78 -9.94 1.57 -12.10
CA GLY A 78 -8.93 2.56 -12.37
C GLY A 78 -9.47 3.97 -12.28
N ASP A 79 -10.78 4.09 -12.12
CA ASP A 79 -11.42 5.40 -12.00
C ASP A 79 -11.44 5.83 -10.55
N TYR A 80 -10.33 6.36 -10.08
CA TYR A 80 -10.22 6.81 -8.70
C TYR A 80 -9.41 8.10 -8.62
N ASP A 81 -9.63 8.88 -7.58
CA ASP A 81 -8.87 10.09 -7.37
C ASP A 81 -7.66 9.81 -6.50
N GLU A 82 -6.51 9.53 -7.12
CA GLU A 82 -5.29 9.27 -6.38
C GLU A 82 -4.92 10.49 -5.53
N ILE A 83 -5.22 11.66 -6.05
CA ILE A 83 -4.92 12.92 -5.38
C ILE A 83 -5.68 13.03 -4.07
N GLU A 84 -6.80 12.33 -4.00
CA GLU A 84 -7.61 12.32 -2.80
C GLU A 84 -7.04 11.33 -1.78
N ILE A 85 -6.90 10.08 -2.20
CA ILE A 85 -6.50 9.01 -1.29
C ILE A 85 -5.06 9.14 -0.84
N ARG A 86 -4.17 9.61 -1.71
CA ARG A 86 -2.76 9.76 -1.36
C ARG A 86 -2.56 10.88 -0.36
N GLN A 87 -3.24 11.99 -0.57
CA GLN A 87 -3.03 13.18 0.24
C GLN A 87 -3.64 13.02 1.64
N GLU A 88 -4.55 12.07 1.78
CA GLU A 88 -5.07 11.73 3.09
C GLU A 88 -4.78 10.27 3.42
N TRP A 89 -3.75 9.73 2.79
CA TRP A 89 -3.37 8.35 3.02
C TRP A 89 -2.84 8.18 4.43
N GLN A 90 -3.24 7.06 5.03
CA GLN A 90 -3.02 6.82 6.44
C GLN A 90 -1.68 6.15 6.69
N GLU A 91 -0.89 6.73 7.58
CA GLU A 91 0.43 6.21 7.94
C GLU A 91 0.33 4.93 8.77
N GLU A 92 -0.88 4.40 8.87
CA GLU A 92 -1.15 3.20 9.65
C GLU A 92 -0.38 2.00 9.08
N ASN A 93 -0.33 1.89 7.76
CA ASN A 93 0.32 0.77 7.13
C ASN A 93 1.47 1.24 6.26
N THR A 94 1.63 2.55 6.22
CA THR A 94 2.80 3.18 5.67
C THR A 94 4.00 2.89 6.56
N LEU A 95 5.17 3.24 6.10
CA LEU A 95 6.40 2.77 6.71
C LEU A 95 6.77 3.56 7.96
N HIS A 96 7.80 3.07 8.61
CA HIS A 96 8.23 3.58 9.91
C HIS A 96 9.56 4.31 9.82
N GLU A 97 9.64 5.44 10.50
CA GLU A 97 10.87 6.20 10.56
C GLU A 97 11.59 5.91 11.88
N TRP A 98 12.77 5.31 11.78
CA TRP A 98 13.52 4.91 12.95
C TRP A 98 14.28 6.09 13.56
N ASP A 99 15.03 5.81 14.61
CA ASP A 99 15.91 6.79 15.19
C ASP A 99 17.32 6.22 15.24
N GLU A 100 18.27 6.99 15.74
CA GLU A 100 19.67 6.60 15.72
C GLU A 100 20.00 5.71 16.90
N GLY A 101 19.17 4.70 17.13
CA GLY A 101 19.35 3.80 18.26
C GLY A 101 18.91 4.42 19.57
N GLU A 102 18.54 5.69 19.51
CA GLU A 102 18.15 6.45 20.69
C GLU A 102 16.82 5.94 21.24
N PHE A 103 15.94 5.53 20.34
CA PHE A 103 14.63 5.06 20.71
C PHE A 103 14.42 3.65 20.18
N GLN A 104 13.80 2.80 20.96
CA GLN A 104 13.63 1.41 20.60
C GLN A 104 12.31 1.20 19.86
N LEU A 105 12.40 0.54 18.71
CA LEU A 105 11.27 0.35 17.83
C LEU A 105 11.02 -1.12 17.51
N GLU A 106 9.99 -1.35 16.69
CA GLU A 106 9.57 -2.69 16.29
C GLU A 106 10.69 -3.49 15.61
N PRO A 107 10.44 -4.80 15.33
CA PRO A 107 11.35 -5.65 14.55
C PRO A 107 11.85 -5.00 13.24
N PRO A 108 12.87 -5.63 12.60
CA PRO A 108 13.55 -5.13 11.39
C PRO A 108 12.64 -4.42 10.36
N LEU A 109 13.30 -3.64 9.50
CA LEU A 109 12.65 -2.66 8.65
C LEU A 109 11.52 -3.26 7.82
N ASP A 110 11.80 -4.40 7.21
CA ASP A 110 10.84 -5.07 6.37
C ASP A 110 10.55 -6.50 6.85
N THR A 111 11.43 -7.42 6.51
CA THR A 111 11.31 -8.82 6.91
C THR A 111 12.49 -9.63 6.37
N GLU A 112 13.13 -9.12 5.32
CA GLU A 112 14.31 -9.78 4.77
C GLU A 112 15.52 -9.47 5.65
N GLU A 113 15.35 -8.49 6.52
CA GLU A 113 16.36 -8.11 7.49
C GLU A 113 16.24 -8.98 8.75
N GLY A 114 15.72 -10.19 8.59
CA GLY A 114 15.71 -11.14 9.69
C GLY A 114 14.32 -11.42 10.20
N ARG A 115 13.58 -10.36 10.52
CA ARG A 115 12.24 -10.48 11.12
C ARG A 115 12.30 -11.19 12.48
N ALA A 116 12.28 -10.40 13.54
CA ALA A 116 12.37 -10.91 14.91
C ALA A 116 13.67 -11.70 15.13
N ALA A 117 14.73 -11.27 14.44
CA ALA A 117 16.03 -11.90 14.56
C ALA A 117 17.13 -10.86 14.45
N ALA A 118 16.77 -9.61 14.76
CA ALA A 118 17.69 -8.48 14.64
C ALA A 118 17.01 -7.21 15.12
N ASP A 119 17.81 -6.20 15.42
CA ASP A 119 17.29 -4.89 15.82
C ASP A 119 17.99 -3.80 15.02
N GLU A 120 17.51 -3.58 13.82
CA GLU A 120 18.15 -2.67 12.88
C GLU A 120 17.50 -1.30 12.94
N TRP A 121 18.32 -0.26 13.03
CA TRP A 121 17.82 1.11 13.09
C TRP A 121 18.25 1.87 11.84
N ASP A 122 18.10 3.18 11.88
CA ASP A 122 18.60 4.05 10.81
C ASP A 122 19.34 5.22 11.40
N GLU A 123 20.66 5.09 11.50
CA GLU A 123 21.49 6.15 12.02
C GLU A 123 22.08 6.98 10.88
N ARG A 124 21.37 8.01 10.50
CA ARG A 124 21.81 8.91 9.44
C ARG A 124 21.07 10.24 9.53
N MET A 1 6.00 -6.73 0.92
CA MET A 1 7.30 -6.17 0.51
C MET A 1 7.48 -6.20 -0.99
N THR A 2 6.37 -6.35 -1.71
CA THR A 2 6.38 -6.29 -3.16
C THR A 2 6.58 -4.86 -3.60
N MET A 3 7.79 -4.54 -4.07
CA MET A 3 8.08 -3.17 -4.43
C MET A 3 7.43 -2.78 -5.74
N TYR A 4 6.70 -1.69 -5.69
CA TYR A 4 6.16 -1.09 -6.89
C TYR A 4 6.99 0.15 -7.23
N ALA A 5 6.39 1.14 -7.86
CA ALA A 5 7.15 2.31 -8.27
C ALA A 5 7.10 3.43 -7.23
N THR A 6 5.92 3.63 -6.62
CA THR A 6 5.70 4.74 -5.68
C THR A 6 4.29 4.63 -5.08
N LEU A 7 3.93 5.58 -4.21
CA LEU A 7 2.60 5.60 -3.57
C LEU A 7 1.51 5.74 -4.64
N GLU A 8 1.61 6.78 -5.44
CA GLU A 8 0.63 7.05 -6.48
C GLU A 8 0.65 5.97 -7.57
N GLU A 9 1.79 5.31 -7.69
CA GLU A 9 2.02 4.35 -8.78
C GLU A 9 1.35 3.00 -8.54
N ALA A 10 1.58 2.41 -7.37
CA ALA A 10 1.17 1.02 -7.11
C ALA A 10 -0.33 0.80 -7.29
N ILE A 11 -1.13 1.78 -6.89
CA ILE A 11 -2.58 1.71 -7.06
C ILE A 11 -2.94 1.52 -8.53
N ASP A 12 -2.17 2.15 -9.40
CA ASP A 12 -2.40 2.08 -10.84
C ASP A 12 -1.97 0.71 -11.37
N ALA A 13 -0.83 0.24 -10.88
CA ALA A 13 -0.29 -1.04 -11.31
C ALA A 13 -1.10 -2.21 -10.77
N ALA A 14 -1.42 -2.16 -9.48
CA ALA A 14 -2.10 -3.27 -8.80
C ALA A 14 -3.40 -3.64 -9.48
N ARG A 15 -4.17 -2.63 -9.89
CA ARG A 15 -5.45 -2.88 -10.55
C ARG A 15 -5.23 -3.69 -11.83
N GLU A 16 -4.14 -3.37 -12.54
CA GLU A 16 -3.75 -4.09 -13.74
C GLU A 16 -3.17 -5.46 -13.40
N GLU A 17 -2.23 -5.48 -12.46
CA GLU A 17 -1.50 -6.69 -12.10
C GLU A 17 -2.42 -7.83 -11.72
N PHE A 18 -3.40 -7.54 -10.87
CA PHE A 18 -4.36 -8.55 -10.44
C PHE A 18 -5.18 -9.04 -11.64
N LEU A 19 -5.58 -8.10 -12.48
CA LEU A 19 -6.41 -8.39 -13.64
C LEU A 19 -5.61 -9.14 -14.70
N ALA A 20 -4.32 -8.86 -14.75
CA ALA A 20 -3.42 -9.45 -15.74
C ALA A 20 -3.51 -10.97 -15.74
N ASP A 21 -3.65 -11.56 -14.56
CA ASP A 21 -3.68 -13.02 -14.44
C ASP A 21 -5.06 -13.57 -14.71
N ASN A 22 -6.06 -12.70 -14.71
CA ASN A 22 -7.44 -13.12 -14.89
C ASN A 22 -8.34 -11.92 -15.21
N PRO A 23 -8.30 -11.47 -16.48
CA PRO A 23 -9.04 -10.28 -16.91
C PRO A 23 -10.55 -10.46 -16.83
N GLY A 24 -11.24 -9.40 -16.46
CA GLY A 24 -12.69 -9.43 -16.41
C GLY A 24 -13.25 -9.58 -15.00
N ILE A 25 -12.37 -9.79 -14.03
CA ILE A 25 -12.81 -9.94 -12.64
C ILE A 25 -13.40 -8.63 -12.10
N ASP A 26 -13.11 -7.52 -12.78
CA ASP A 26 -13.74 -6.23 -12.47
C ASP A 26 -15.27 -6.33 -12.57
N ALA A 27 -15.95 -5.20 -12.61
CA ALA A 27 -17.41 -5.16 -12.58
C ALA A 27 -18.04 -5.96 -13.74
N GLU A 28 -17.22 -6.42 -14.65
CA GLU A 28 -17.68 -7.20 -15.79
C GLU A 28 -18.12 -8.59 -15.36
N ASP A 29 -17.45 -9.17 -14.38
CA ASP A 29 -17.81 -10.51 -13.90
C ASP A 29 -18.11 -10.50 -12.40
N ALA A 30 -17.25 -9.86 -11.63
CA ALA A 30 -17.38 -9.85 -10.19
C ALA A 30 -17.53 -8.44 -9.66
N ASN A 31 -18.13 -8.30 -8.49
CA ASN A 31 -18.06 -7.06 -7.75
C ASN A 31 -16.76 -7.09 -6.96
N VAL A 32 -15.95 -6.04 -7.06
CA VAL A 32 -14.65 -6.02 -6.41
C VAL A 32 -14.53 -4.87 -5.42
N GLN A 33 -15.27 -4.90 -4.33
CA GLN A 33 -15.18 -3.77 -3.43
C GLN A 33 -14.13 -4.05 -2.38
N GLN A 34 -13.01 -3.34 -2.49
CA GLN A 34 -12.04 -3.26 -1.42
C GLN A 34 -10.95 -2.26 -1.77
N PHE A 35 -10.42 -1.58 -0.78
CA PHE A 35 -9.19 -0.85 -0.95
C PHE A 35 -8.21 -1.29 0.13
N ASN A 36 -7.19 -2.00 -0.28
CA ASN A 36 -6.19 -2.52 0.64
C ASN A 36 -4.80 -2.07 0.23
N ALA A 37 -4.04 -1.52 1.17
CA ALA A 37 -2.65 -1.17 0.90
C ALA A 37 -1.80 -1.22 2.16
N GLN A 38 -0.57 -1.73 2.03
CA GLN A 38 0.40 -1.71 3.13
C GLN A 38 1.83 -1.59 2.61
N LYS A 39 2.75 -1.23 3.49
CA LYS A 39 4.16 -1.16 3.14
C LYS A 39 5.03 -1.30 4.38
N TYR A 40 6.21 -1.88 4.21
CA TYR A 40 7.22 -1.81 5.25
C TYR A 40 8.53 -1.33 4.63
N VAL A 41 8.92 -0.09 4.95
CA VAL A 41 10.14 0.49 4.40
C VAL A 41 10.74 1.56 5.29
N LEU A 42 12.03 1.74 5.14
CA LEU A 42 12.72 2.82 5.81
C LEU A 42 12.52 4.12 5.02
N GLN A 43 13.04 5.23 5.52
CA GLN A 43 12.77 6.54 4.93
C GLN A 43 13.35 6.63 3.53
N ASP A 44 14.27 5.73 3.23
CA ASP A 44 14.98 5.70 1.96
C ASP A 44 14.06 5.38 0.79
N GLY A 45 12.92 4.75 1.07
CA GLY A 45 11.96 4.46 0.02
C GLY A 45 12.36 3.26 -0.81
N ASP A 46 13.40 2.56 -0.37
CA ASP A 46 13.95 1.38 -1.05
C ASP A 46 12.86 0.51 -1.70
N ILE A 47 11.85 0.17 -0.92
CA ILE A 47 10.74 -0.63 -1.40
C ILE A 47 9.49 0.26 -1.45
N MET A 48 8.58 -0.05 -2.37
CA MET A 48 7.35 0.70 -2.50
C MET A 48 6.18 -0.11 -1.97
N TRP A 49 5.00 0.48 -2.00
CA TRP A 49 3.88 -0.03 -1.22
C TRP A 49 3.00 -0.95 -2.06
N GLN A 50 2.33 -1.89 -1.41
CA GLN A 50 1.50 -2.87 -2.09
C GLN A 50 0.04 -2.48 -2.02
N VAL A 51 -0.72 -2.84 -3.05
CA VAL A 51 -2.15 -2.54 -3.11
C VAL A 51 -2.92 -3.81 -3.48
N GLU A 52 -4.04 -4.02 -2.83
CA GLU A 52 -4.81 -5.25 -2.96
C GLU A 52 -6.31 -4.97 -3.05
N PHE A 53 -7.02 -5.90 -3.67
CA PHE A 53 -8.47 -5.82 -3.83
C PHE A 53 -9.07 -7.21 -3.65
N PHE A 54 -10.28 -7.30 -3.09
CA PHE A 54 -11.01 -8.54 -3.10
C PHE A 54 -12.45 -8.25 -3.50
N ALA A 55 -13.23 -9.29 -3.76
CA ALA A 55 -14.55 -9.11 -4.32
C ALA A 55 -15.52 -8.48 -3.33
N ASP A 56 -15.56 -9.04 -2.15
CA ASP A 56 -16.69 -8.81 -1.26
C ASP A 56 -16.27 -8.02 -0.05
N GLU A 57 -16.79 -6.79 0.02
CA GLU A 57 -16.47 -5.87 1.10
C GLU A 57 -16.60 -6.56 2.46
N GLY A 58 -15.48 -6.71 3.15
CA GLY A 58 -15.48 -7.40 4.43
C GLY A 58 -14.70 -8.70 4.42
N GLU A 59 -14.24 -9.11 3.24
CA GLU A 59 -13.33 -10.25 3.11
C GLU A 59 -11.95 -9.88 3.69
N GLU A 60 -10.91 -10.60 3.30
CA GLU A 60 -9.59 -10.33 3.87
C GLU A 60 -8.57 -9.94 2.82
N GLY A 61 -7.90 -8.83 3.09
CA GLY A 61 -6.73 -8.45 2.36
C GLY A 61 -5.64 -8.12 3.35
N GLU A 62 -4.42 -8.58 3.10
CA GLU A 62 -3.35 -8.45 4.09
C GLU A 62 -2.76 -7.05 4.08
N CYS A 63 -3.63 -6.07 4.19
CA CYS A 63 -3.23 -4.69 4.13
C CYS A 63 -4.18 -3.84 4.96
N LEU A 64 -4.06 -2.53 4.85
CA LEU A 64 -4.95 -1.61 5.53
C LEU A 64 -6.30 -1.57 4.82
N PRO A 65 -7.37 -1.97 5.51
CA PRO A 65 -8.74 -1.82 5.00
C PRO A 65 -9.15 -0.36 4.97
N MET A 66 -8.82 0.31 3.87
CA MET A 66 -8.98 1.74 3.76
C MET A 66 -10.41 2.06 3.35
N LEU A 67 -10.79 1.54 2.21
CA LEU A 67 -12.11 1.76 1.67
C LEU A 67 -12.76 0.42 1.37
N SER A 68 -14.07 0.41 1.24
CA SER A 68 -14.81 -0.80 0.96
C SER A 68 -16.18 -0.44 0.42
N GLY A 69 -16.47 -0.90 -0.80
CA GLY A 69 -17.72 -0.59 -1.42
C GLY A 69 -17.56 -0.31 -2.90
N GLU A 70 -18.58 0.29 -3.49
CA GLU A 70 -18.62 0.54 -4.93
C GLU A 70 -17.43 1.39 -5.39
N ALA A 71 -17.06 2.39 -4.60
CA ALA A 71 -15.96 3.27 -4.94
C ALA A 71 -14.64 2.50 -4.98
N ALA A 72 -14.45 1.63 -3.99
CA ALA A 72 -13.28 0.77 -3.91
C ALA A 72 -13.17 -0.13 -5.14
N GLN A 73 -14.31 -0.56 -5.67
CA GLN A 73 -14.34 -1.36 -6.89
C GLN A 73 -13.96 -0.47 -8.06
N SER A 74 -14.51 0.74 -8.07
CA SER A 74 -14.16 1.73 -9.08
C SER A 74 -12.66 1.97 -9.09
N VAL A 75 -12.03 1.79 -7.93
CA VAL A 75 -10.59 1.89 -7.82
C VAL A 75 -9.90 0.78 -8.62
N PHE A 76 -10.51 -0.42 -8.63
CA PHE A 76 -10.00 -1.52 -9.44
C PHE A 76 -10.22 -1.21 -10.92
N ASP A 77 -11.36 -0.60 -11.20
CA ASP A 77 -11.74 -0.22 -12.56
C ASP A 77 -10.83 0.87 -13.11
N GLY A 78 -10.26 1.66 -12.21
CA GLY A 78 -9.38 2.72 -12.63
C GLY A 78 -9.99 4.09 -12.43
N ASP A 79 -11.23 4.13 -11.95
CA ASP A 79 -11.91 5.39 -11.71
C ASP A 79 -11.65 5.87 -10.29
N TYR A 80 -10.44 6.36 -10.08
CA TYR A 80 -10.05 6.94 -8.80
C TYR A 80 -9.12 8.11 -9.05
N ASP A 81 -9.00 8.98 -8.07
CA ASP A 81 -8.06 10.07 -8.14
C ASP A 81 -6.93 9.82 -7.14
N GLU A 82 -5.73 9.64 -7.67
CA GLU A 82 -4.57 9.29 -6.86
C GLU A 82 -4.29 10.37 -5.81
N ILE A 83 -4.46 11.63 -6.20
CA ILE A 83 -4.21 12.73 -5.28
C ILE A 83 -5.29 12.80 -4.22
N GLU A 84 -6.48 12.30 -4.56
CA GLU A 84 -7.59 12.32 -3.63
C GLU A 84 -7.34 11.32 -2.49
N ILE A 85 -7.11 10.07 -2.86
CA ILE A 85 -6.95 9.01 -1.87
C ILE A 85 -5.64 9.11 -1.11
N ARG A 86 -4.55 9.42 -1.80
CA ARG A 86 -3.24 9.49 -1.17
C ARG A 86 -3.15 10.64 -0.17
N GLN A 87 -3.78 11.76 -0.50
CA GLN A 87 -3.71 12.93 0.38
C GLN A 87 -4.61 12.75 1.58
N GLU A 88 -5.36 11.65 1.61
CA GLU A 88 -6.13 11.28 2.78
C GLU A 88 -5.78 9.86 3.18
N TRP A 89 -4.60 9.42 2.73
CA TRP A 89 -4.13 8.08 3.01
C TRP A 89 -3.68 7.96 4.45
N GLN A 90 -3.79 6.77 4.99
CA GLN A 90 -3.59 6.56 6.41
C GLN A 90 -2.23 5.93 6.67
N GLU A 91 -1.43 6.59 7.50
CA GLU A 91 -0.09 6.13 7.82
C GLU A 91 -0.12 4.93 8.76
N GLU A 92 -1.31 4.38 8.97
CA GLU A 92 -1.51 3.25 9.85
C GLU A 92 -0.71 2.04 9.37
N ASN A 93 -0.68 1.85 8.06
CA ASN A 93 0.10 0.75 7.48
C ASN A 93 1.30 1.31 6.73
N THR A 94 1.38 2.62 6.65
CA THR A 94 2.56 3.25 6.09
C THR A 94 3.63 3.32 7.14
N LEU A 95 4.66 2.51 7.01
CA LEU A 95 5.74 2.54 7.98
C LEU A 95 6.83 3.46 7.45
N HIS A 96 6.89 4.66 8.00
CA HIS A 96 7.95 5.59 7.72
C HIS A 96 8.19 6.48 8.93
N GLU A 97 9.09 6.10 9.81
CA GLU A 97 9.58 7.03 10.80
C GLU A 97 11.05 6.79 11.04
N TRP A 98 11.88 7.45 10.26
CA TRP A 98 13.32 7.44 10.48
C TRP A 98 13.85 8.86 10.55
N ASP A 99 15.16 9.01 10.70
CA ASP A 99 15.79 10.31 10.64
C ASP A 99 17.02 10.22 9.74
N GLU A 100 17.50 11.36 9.29
CA GLU A 100 18.56 11.43 8.28
C GLU A 100 19.94 11.38 8.93
N GLY A 101 20.15 10.38 9.80
CA GLY A 101 21.41 10.23 10.48
C GLY A 101 21.54 11.23 11.62
N GLU A 102 20.49 12.00 11.83
CA GLU A 102 20.44 13.01 12.87
C GLU A 102 20.09 12.36 14.21
N PHE A 103 19.05 11.57 14.21
CA PHE A 103 18.58 10.92 15.42
C PHE A 103 18.93 9.44 15.38
N GLN A 104 19.38 8.91 16.51
CA GLN A 104 19.76 7.51 16.59
C GLN A 104 18.54 6.70 16.97
N LEU A 105 18.02 5.95 16.01
CA LEU A 105 16.74 5.29 16.15
C LEU A 105 16.92 3.78 16.25
N GLU A 106 15.81 3.08 16.48
CA GLU A 106 15.79 1.63 16.56
C GLU A 106 16.30 0.99 15.26
N PRO A 107 16.61 -0.32 15.30
CA PRO A 107 16.98 -1.11 14.12
C PRO A 107 15.86 -1.16 13.07
N PRO A 108 16.17 -1.69 11.86
CA PRO A 108 15.26 -1.85 10.73
C PRO A 108 13.77 -1.86 11.09
N LEU A 109 12.99 -1.09 10.33
CA LEU A 109 11.58 -0.88 10.63
C LEU A 109 10.80 -2.20 10.67
N ASP A 110 11.29 -3.22 9.96
CA ASP A 110 10.68 -4.55 10.03
C ASP A 110 11.70 -5.67 9.78
N THR A 111 12.04 -5.94 8.53
CA THR A 111 12.89 -7.08 8.21
C THR A 111 13.83 -6.80 7.04
N GLU A 112 13.56 -5.74 6.31
CA GLU A 112 14.29 -5.38 5.10
C GLU A 112 15.77 -5.10 5.37
N GLU A 113 16.06 -4.25 6.35
CA GLU A 113 17.43 -3.80 6.58
C GLU A 113 18.16 -4.69 7.59
N GLY A 114 17.81 -5.98 7.62
CA GLY A 114 18.52 -6.90 8.47
C GLY A 114 17.64 -7.57 9.51
N ARG A 115 16.44 -7.02 9.69
CA ARG A 115 15.45 -7.61 10.60
C ARG A 115 15.96 -7.62 12.04
N ALA A 116 16.11 -6.44 12.61
CA ALA A 116 16.51 -6.27 14.01
C ALA A 116 17.86 -6.90 14.32
N ALA A 117 18.68 -7.12 13.29
CA ALA A 117 20.01 -7.65 13.49
C ALA A 117 21.02 -6.52 13.57
N ALA A 118 21.02 -5.67 12.56
CA ALA A 118 21.91 -4.53 12.52
C ALA A 118 21.17 -3.25 12.90
N ASP A 119 21.91 -2.19 13.13
CA ASP A 119 21.34 -0.89 13.51
C ASP A 119 21.70 0.14 12.45
N GLU A 120 21.03 0.06 11.32
CA GLU A 120 21.32 0.96 10.22
C GLU A 120 20.27 2.05 10.11
N TRP A 121 20.72 3.26 9.81
CA TRP A 121 19.85 4.42 9.76
C TRP A 121 19.93 5.07 8.39
N ASP A 122 18.91 5.84 8.04
CA ASP A 122 18.88 6.57 6.79
C ASP A 122 19.91 7.68 6.80
N GLU A 123 20.70 7.74 5.73
CA GLU A 123 21.78 8.72 5.59
C GLU A 123 22.76 8.64 6.76
N ARG A 124 23.37 7.47 6.91
CA ARG A 124 24.37 7.27 7.96
C ARG A 124 25.77 7.32 7.36
N MET A 1 5.80 -8.23 1.16
CA MET A 1 7.18 -8.02 0.77
C MET A 1 7.31 -7.94 -0.76
N THR A 2 6.70 -6.93 -1.34
CA THR A 2 6.76 -6.73 -2.77
C THR A 2 6.70 -5.23 -3.11
N MET A 3 7.85 -4.57 -3.03
CA MET A 3 7.93 -3.15 -3.37
C MET A 3 7.53 -2.91 -4.82
N TYR A 4 6.59 -1.99 -5.02
CA TYR A 4 6.14 -1.62 -6.36
C TYR A 4 7.04 -0.53 -6.95
N ALA A 5 6.52 0.69 -7.05
CA ALA A 5 7.29 1.79 -7.60
C ALA A 5 7.16 3.05 -6.75
N THR A 6 5.95 3.47 -6.46
CA THR A 6 5.71 4.65 -5.64
C THR A 6 4.29 4.64 -5.06
N LEU A 7 3.99 5.60 -4.20
CA LEU A 7 2.65 5.75 -3.62
C LEU A 7 1.59 5.90 -4.73
N GLU A 8 1.90 6.70 -5.72
CA GLU A 8 0.97 6.92 -6.84
C GLU A 8 0.88 5.70 -7.77
N GLU A 9 1.95 4.94 -7.83
CA GLU A 9 2.08 3.87 -8.81
C GLU A 9 1.29 2.62 -8.45
N ALA A 10 1.45 2.15 -7.21
CA ALA A 10 0.91 0.84 -6.83
C ALA A 10 -0.61 0.76 -6.98
N ILE A 11 -1.32 1.85 -6.74
CA ILE A 11 -2.77 1.88 -6.93
C ILE A 11 -3.13 1.51 -8.35
N ASP A 12 -2.36 2.06 -9.29
CA ASP A 12 -2.57 1.81 -10.71
C ASP A 12 -2.10 0.40 -11.07
N ALA A 13 -0.91 0.06 -10.60
CA ALA A 13 -0.29 -1.22 -10.91
C ALA A 13 -1.06 -2.39 -10.30
N ALA A 14 -1.61 -2.21 -9.11
CA ALA A 14 -2.32 -3.28 -8.43
C ALA A 14 -3.62 -3.63 -9.15
N ARG A 15 -4.37 -2.60 -9.55
CA ARG A 15 -5.61 -2.81 -10.29
C ARG A 15 -5.29 -3.52 -11.61
N GLU A 16 -4.14 -3.14 -12.18
CA GLU A 16 -3.66 -3.69 -13.44
C GLU A 16 -3.17 -5.13 -13.26
N GLU A 17 -2.23 -5.31 -12.33
CA GLU A 17 -1.54 -6.57 -12.14
C GLU A 17 -2.52 -7.70 -11.81
N PHE A 18 -3.51 -7.40 -10.98
CA PHE A 18 -4.52 -8.39 -10.64
C PHE A 18 -5.32 -8.77 -11.90
N LEU A 19 -5.77 -7.75 -12.62
CA LEU A 19 -6.55 -7.96 -13.84
C LEU A 19 -5.70 -8.64 -14.90
N ALA A 20 -4.41 -8.38 -14.88
CA ALA A 20 -3.48 -8.95 -15.85
C ALA A 20 -3.39 -10.46 -15.74
N ASP A 21 -3.85 -11.01 -14.62
CA ASP A 21 -3.85 -12.46 -14.43
C ASP A 21 -5.18 -13.03 -14.87
N ASN A 22 -6.23 -12.22 -14.74
CA ASN A 22 -7.59 -12.65 -15.02
C ASN A 22 -8.44 -11.45 -15.43
N PRO A 23 -8.30 -11.00 -16.67
CA PRO A 23 -9.02 -9.82 -17.17
C PRO A 23 -10.52 -10.05 -17.21
N GLY A 24 -11.29 -9.04 -16.84
CA GLY A 24 -12.74 -9.14 -16.86
C GLY A 24 -13.32 -9.37 -15.48
N ILE A 25 -12.45 -9.46 -14.49
CA ILE A 25 -12.87 -9.73 -13.13
C ILE A 25 -13.40 -8.47 -12.43
N ASP A 26 -13.15 -7.31 -13.03
CA ASP A 26 -13.68 -6.04 -12.52
C ASP A 26 -15.23 -6.07 -12.56
N ALA A 27 -15.87 -4.90 -12.57
CA ALA A 27 -17.34 -4.82 -12.48
C ALA A 27 -18.05 -5.67 -13.55
N GLU A 28 -17.29 -6.14 -14.52
CA GLU A 28 -17.82 -6.96 -15.59
C GLU A 28 -18.28 -8.32 -15.08
N ASP A 29 -17.47 -9.00 -14.27
CA ASP A 29 -17.82 -10.34 -13.80
C ASP A 29 -17.91 -10.46 -12.28
N ALA A 30 -16.92 -9.92 -11.57
CA ALA A 30 -16.88 -10.06 -10.12
C ALA A 30 -17.04 -8.71 -9.43
N ASN A 31 -17.54 -8.72 -8.21
CA ASN A 31 -17.70 -7.48 -7.46
C ASN A 31 -16.47 -7.21 -6.62
N VAL A 32 -15.44 -6.67 -7.27
CA VAL A 32 -14.16 -6.40 -6.63
C VAL A 32 -14.24 -5.14 -5.79
N GLN A 33 -14.91 -5.20 -4.66
CA GLN A 33 -14.93 -4.05 -3.78
C GLN A 33 -14.00 -4.29 -2.61
N GLN A 34 -12.88 -3.57 -2.60
CA GLN A 34 -12.05 -3.41 -1.42
C GLN A 34 -10.96 -2.41 -1.72
N PHE A 35 -10.55 -1.63 -0.74
CA PHE A 35 -9.34 -0.85 -0.88
C PHE A 35 -8.39 -1.20 0.25
N ASN A 36 -7.30 -1.84 -0.12
CA ASN A 36 -6.30 -2.28 0.84
C ASN A 36 -4.91 -1.81 0.41
N ALA A 37 -4.10 -1.35 1.35
CA ALA A 37 -2.73 -0.96 1.03
C ALA A 37 -1.82 -1.05 2.25
N GLN A 38 -0.64 -1.62 2.06
CA GLN A 38 0.41 -1.65 3.07
C GLN A 38 1.78 -1.53 2.43
N LYS A 39 2.81 -1.22 3.20
CA LYS A 39 4.15 -1.13 2.64
C LYS A 39 5.21 -1.47 3.67
N TYR A 40 6.30 -2.04 3.18
CA TYR A 40 7.50 -2.21 3.96
C TYR A 40 8.68 -1.81 3.10
N VAL A 41 9.36 -0.73 3.48
CA VAL A 41 10.49 -0.22 2.73
C VAL A 41 11.60 0.27 3.65
N LEU A 42 12.83 0.26 3.14
CA LEU A 42 14.01 0.37 3.97
C LEU A 42 14.68 1.74 3.90
N GLN A 43 15.75 1.87 4.70
CA GLN A 43 16.42 3.14 4.99
C GLN A 43 16.72 3.98 3.76
N ASP A 44 16.90 3.32 2.62
CA ASP A 44 17.39 4.00 1.43
C ASP A 44 16.37 4.98 0.88
N GLY A 45 15.11 4.81 1.29
CA GLY A 45 14.11 5.81 0.97
C GLY A 45 13.19 5.39 -0.12
N ASP A 46 13.33 4.14 -0.54
CA ASP A 46 12.44 3.55 -1.54
C ASP A 46 10.99 3.78 -1.13
N ILE A 47 10.36 4.77 -1.72
CA ILE A 47 8.95 4.97 -1.44
C ILE A 47 8.09 4.11 -2.37
N MET A 48 7.60 3.01 -1.82
CA MET A 48 6.65 2.15 -2.50
C MET A 48 5.60 1.68 -1.51
N TRP A 49 4.59 1.00 -2.03
CA TRP A 49 3.60 0.35 -1.20
C TRP A 49 2.85 -0.68 -2.03
N GLN A 50 2.01 -1.46 -1.39
CA GLN A 50 1.29 -2.53 -2.06
C GLN A 50 -0.20 -2.38 -1.85
N VAL A 51 -0.94 -2.51 -2.94
CA VAL A 51 -2.37 -2.31 -2.92
C VAL A 51 -3.10 -3.61 -3.25
N GLU A 52 -4.24 -3.82 -2.62
CA GLU A 52 -4.96 -5.08 -2.73
C GLU A 52 -6.46 -4.85 -2.87
N PHE A 53 -7.11 -5.74 -3.61
CA PHE A 53 -8.55 -5.71 -3.80
C PHE A 53 -9.08 -7.13 -3.73
N PHE A 54 -10.26 -7.33 -3.12
CA PHE A 54 -10.89 -8.65 -3.15
C PHE A 54 -12.34 -8.53 -3.64
N ALA A 55 -12.91 -9.67 -4.03
CA ALA A 55 -14.16 -9.67 -4.78
C ALA A 55 -15.38 -9.90 -3.91
N ASP A 56 -15.20 -9.88 -2.61
CA ASP A 56 -16.34 -9.90 -1.71
C ASP A 56 -16.12 -8.89 -0.61
N GLU A 57 -16.84 -7.77 -0.68
CA GLU A 57 -16.65 -6.68 0.28
C GLU A 57 -16.95 -7.16 1.70
N GLY A 58 -16.04 -6.90 2.61
CA GLY A 58 -16.25 -7.31 3.98
C GLY A 58 -15.44 -8.55 4.33
N GLU A 59 -14.69 -9.05 3.35
CA GLU A 59 -13.74 -10.12 3.62
C GLU A 59 -12.49 -9.54 4.28
N GLU A 60 -11.37 -10.22 4.15
CA GLU A 60 -10.17 -9.78 4.84
C GLU A 60 -9.02 -9.59 3.87
N GLY A 61 -8.47 -8.39 3.85
CA GLY A 61 -7.27 -8.13 3.10
C GLY A 61 -6.08 -8.08 4.03
N GLU A 62 -4.89 -8.28 3.50
CA GLU A 62 -3.70 -8.33 4.33
C GLU A 62 -3.04 -6.97 4.40
N CYS A 63 -3.83 -5.93 4.13
CA CYS A 63 -3.33 -4.58 4.12
C CYS A 63 -4.24 -3.67 4.95
N LEU A 64 -4.04 -2.37 4.82
CA LEU A 64 -4.86 -1.37 5.51
C LEU A 64 -6.16 -1.11 4.72
N PRO A 65 -7.31 -1.49 5.30
CA PRO A 65 -8.62 -1.25 4.68
C PRO A 65 -9.02 0.22 4.73
N MET A 66 -9.27 0.79 3.55
CA MET A 66 -9.71 2.18 3.48
C MET A 66 -11.12 2.29 2.91
N LEU A 67 -11.42 1.47 1.92
CA LEU A 67 -12.75 1.46 1.32
C LEU A 67 -13.25 0.05 1.13
N SER A 68 -14.57 -0.07 1.04
CA SER A 68 -15.23 -1.34 0.79
C SER A 68 -16.61 -1.06 0.19
N GLY A 69 -16.84 -1.57 -1.00
CA GLY A 69 -18.09 -1.30 -1.69
C GLY A 69 -17.86 -0.85 -3.11
N GLU A 70 -18.93 -0.39 -3.75
CA GLU A 70 -18.90 0.03 -5.16
C GLU A 70 -17.77 1.02 -5.43
N ALA A 71 -17.48 1.87 -4.46
CA ALA A 71 -16.44 2.87 -4.61
C ALA A 71 -15.08 2.22 -4.84
N ALA A 72 -14.80 1.18 -4.04
CA ALA A 72 -13.55 0.45 -4.14
C ALA A 72 -13.48 -0.35 -5.44
N GLN A 73 -14.64 -0.80 -5.91
CA GLN A 73 -14.73 -1.49 -7.20
C GLN A 73 -14.44 -0.52 -8.34
N SER A 74 -14.90 0.71 -8.17
CA SER A 74 -14.59 1.78 -9.11
C SER A 74 -13.08 2.00 -9.12
N VAL A 75 -12.47 1.80 -7.96
CA VAL A 75 -11.02 1.92 -7.83
C VAL A 75 -10.30 0.86 -8.65
N PHE A 76 -10.87 -0.36 -8.71
CA PHE A 76 -10.25 -1.44 -9.46
C PHE A 76 -10.32 -1.15 -10.96
N ASP A 77 -11.41 -0.52 -11.39
CA ASP A 77 -11.57 -0.09 -12.78
C ASP A 77 -10.60 1.04 -13.11
N GLY A 78 -10.12 1.71 -12.06
CA GLY A 78 -9.18 2.80 -12.25
C GLY A 78 -9.79 4.15 -11.97
N ASP A 79 -11.06 4.16 -11.64
CA ASP A 79 -11.76 5.40 -11.32
C ASP A 79 -11.63 5.70 -9.84
N TYR A 80 -10.51 6.32 -9.48
CA TYR A 80 -10.26 6.73 -8.12
C TYR A 80 -9.54 8.08 -8.11
N ASP A 81 -9.73 8.84 -7.04
CA ASP A 81 -9.03 10.11 -6.90
C ASP A 81 -7.63 9.87 -6.37
N GLU A 82 -6.69 9.69 -7.29
CA GLU A 82 -5.32 9.36 -6.93
C GLU A 82 -4.69 10.47 -6.09
N ILE A 83 -4.89 11.71 -6.50
CA ILE A 83 -4.24 12.84 -5.85
C ILE A 83 -4.82 13.10 -4.47
N GLU A 84 -6.04 12.67 -4.24
CA GLU A 84 -6.67 12.85 -2.94
C GLU A 84 -6.19 11.77 -1.98
N ILE A 85 -6.45 10.52 -2.35
CA ILE A 85 -6.16 9.38 -1.48
C ILE A 85 -4.69 9.28 -1.13
N ARG A 86 -3.85 9.70 -2.05
CA ARG A 86 -2.41 9.63 -1.88
C ARG A 86 -1.90 10.69 -0.91
N GLN A 87 -2.49 11.88 -0.99
CA GLN A 87 -2.04 13.01 -0.18
C GLN A 87 -2.60 12.94 1.22
N GLU A 88 -3.74 12.28 1.36
CA GLU A 88 -4.34 12.08 2.66
C GLU A 88 -4.31 10.60 3.02
N TRP A 89 -3.32 9.91 2.46
CA TRP A 89 -3.14 8.49 2.74
C TRP A 89 -2.78 8.29 4.21
N GLN A 90 -3.23 7.18 4.73
CA GLN A 90 -3.07 6.87 6.14
C GLN A 90 -1.74 6.20 6.40
N GLU A 91 -0.88 6.86 7.17
CA GLU A 91 0.44 6.34 7.47
C GLU A 91 0.38 5.18 8.46
N GLU A 92 -0.84 4.70 8.71
CA GLU A 92 -1.08 3.63 9.66
C GLU A 92 -0.41 2.33 9.23
N ASN A 93 -0.32 2.09 7.93
CA ASN A 93 0.32 0.88 7.43
C ASN A 93 1.52 1.26 6.60
N THR A 94 1.85 2.53 6.64
CA THR A 94 3.03 3.02 5.97
C THR A 94 4.23 2.76 6.86
N LEU A 95 5.07 1.81 6.49
CA LEU A 95 6.25 1.51 7.28
C LEU A 95 7.51 1.82 6.49
N HIS A 96 8.10 2.95 6.83
CA HIS A 96 9.46 3.26 6.44
C HIS A 96 10.06 4.09 7.56
N GLU A 97 10.63 3.43 8.55
CA GLU A 97 11.33 4.13 9.59
C GLU A 97 12.50 3.30 10.08
N TRP A 98 13.67 3.54 9.53
CA TRP A 98 14.85 2.85 10.00
C TRP A 98 15.85 3.87 10.51
N ASP A 99 16.90 3.42 11.16
CA ASP A 99 17.92 4.33 11.66
C ASP A 99 19.27 3.64 11.65
N GLU A 100 20.33 4.42 11.54
CA GLU A 100 21.66 3.88 11.41
C GLU A 100 22.32 3.64 12.77
N GLY A 101 21.61 2.96 13.68
CA GLY A 101 22.21 2.55 14.93
C GLY A 101 21.48 3.03 16.18
N GLU A 102 20.48 3.89 16.04
CA GLU A 102 19.76 4.40 17.20
C GLU A 102 18.60 3.48 17.59
N PHE A 103 17.60 3.38 16.72
CA PHE A 103 16.37 2.69 17.06
C PHE A 103 16.29 1.35 16.34
N GLN A 104 15.90 0.33 17.09
CA GLN A 104 15.78 -1.01 16.55
C GLN A 104 14.33 -1.27 16.11
N LEU A 105 14.17 -1.66 14.86
CA LEU A 105 12.85 -1.89 14.29
C LEU A 105 12.68 -3.37 13.97
N GLU A 106 11.50 -3.75 13.50
CA GLU A 106 11.22 -5.13 13.12
C GLU A 106 12.21 -5.65 12.07
N PRO A 107 12.24 -6.98 11.83
CA PRO A 107 13.09 -7.59 10.80
C PRO A 107 12.99 -6.89 9.44
N PRO A 108 14.09 -6.97 8.66
CA PRO A 108 14.23 -6.33 7.34
C PRO A 108 12.93 -6.24 6.53
N LEU A 109 12.81 -5.11 5.82
CA LEU A 109 11.56 -4.74 5.13
C LEU A 109 11.12 -5.80 4.12
N ASP A 110 12.07 -6.56 3.61
CA ASP A 110 11.79 -7.55 2.57
C ASP A 110 12.53 -8.85 2.86
N THR A 111 13.72 -8.98 2.30
CA THR A 111 14.58 -10.13 2.55
C THR A 111 15.95 -9.88 1.93
N GLU A 112 15.96 -9.20 0.78
CA GLU A 112 17.20 -8.84 0.10
C GLU A 112 18.02 -7.87 0.95
N GLU A 113 17.36 -7.23 1.90
CA GLU A 113 18.02 -6.33 2.84
C GLU A 113 18.94 -7.12 3.78
N GLY A 114 18.69 -8.40 3.92
CA GLY A 114 19.51 -9.24 4.77
C GLY A 114 18.74 -10.42 5.31
N ARG A 115 17.62 -10.13 5.98
CA ARG A 115 16.72 -11.15 6.53
C ARG A 115 17.24 -11.74 7.84
N ALA A 116 16.45 -11.55 8.90
CA ALA A 116 16.64 -12.20 10.21
C ALA A 116 17.83 -11.65 11.02
N ALA A 117 18.97 -11.43 10.38
CA ALA A 117 20.20 -11.08 11.09
C ALA A 117 20.27 -9.58 11.44
N ALA A 118 19.12 -8.99 11.77
CA ALA A 118 19.04 -7.59 12.20
C ALA A 118 19.74 -6.67 11.21
N ASP A 119 19.49 -6.89 9.94
CA ASP A 119 20.11 -6.11 8.87
C ASP A 119 19.37 -4.80 8.66
N GLU A 120 19.00 -4.17 9.77
CA GLU A 120 18.22 -2.94 9.76
C GLU A 120 19.12 -1.70 9.75
N TRP A 121 20.16 -1.72 10.57
CA TRP A 121 21.06 -0.59 10.69
C TRP A 121 22.15 -0.67 9.62
N ASP A 122 22.60 0.49 9.17
CA ASP A 122 23.65 0.56 8.15
C ASP A 122 25.02 0.64 8.81
N GLU A 123 25.95 -0.15 8.30
CA GLU A 123 27.29 -0.23 8.88
C GLU A 123 28.21 0.82 8.27
N ARG A 124 27.81 2.08 8.37
CA ARG A 124 28.58 3.20 7.84
C ARG A 124 29.82 3.47 8.69
N MET A 1 5.81 -6.81 2.20
CA MET A 1 7.10 -6.26 1.79
C MET A 1 7.38 -6.51 0.33
N THR A 2 6.34 -6.43 -0.48
CA THR A 2 6.49 -6.53 -1.92
C THR A 2 6.56 -5.13 -2.52
N MET A 3 7.77 -4.65 -2.73
CA MET A 3 7.99 -3.30 -3.20
C MET A 3 7.47 -3.11 -4.62
N TYR A 4 6.62 -2.10 -4.77
CA TYR A 4 6.19 -1.64 -6.07
C TYR A 4 7.07 -0.46 -6.49
N ALA A 5 6.51 0.53 -7.15
CA ALA A 5 7.30 1.68 -7.55
C ALA A 5 7.13 2.88 -6.60
N THR A 6 5.91 3.10 -6.11
CA THR A 6 5.58 4.27 -5.30
C THR A 6 4.10 4.28 -4.90
N LEU A 7 3.70 5.29 -4.12
CA LEU A 7 2.32 5.44 -3.64
C LEU A 7 1.33 5.47 -4.82
N GLU A 8 1.59 6.34 -5.78
CA GLU A 8 0.70 6.51 -6.92
C GLU A 8 0.74 5.30 -7.86
N GLU A 9 1.85 4.59 -7.84
CA GLU A 9 2.08 3.52 -8.80
C GLU A 9 1.34 2.23 -8.44
N ALA A 10 1.53 1.76 -7.21
CA ALA A 10 1.06 0.42 -6.84
C ALA A 10 -0.45 0.26 -7.02
N ILE A 11 -1.21 1.30 -6.74
CA ILE A 11 -2.66 1.25 -6.89
C ILE A 11 -3.03 0.97 -8.35
N ASP A 12 -2.48 1.76 -9.25
CA ASP A 12 -2.78 1.65 -10.66
C ASP A 12 -2.21 0.34 -11.22
N ALA A 13 -1.03 -0.02 -10.73
CA ALA A 13 -0.36 -1.24 -11.18
C ALA A 13 -1.10 -2.48 -10.72
N ALA A 14 -1.61 -2.46 -9.49
CA ALA A 14 -2.26 -3.62 -8.91
C ALA A 14 -3.58 -3.90 -9.61
N ARG A 15 -4.34 -2.85 -9.84
CA ARG A 15 -5.61 -2.98 -10.52
C ARG A 15 -5.39 -3.39 -11.98
N GLU A 16 -4.30 -2.89 -12.57
CA GLU A 16 -3.97 -3.19 -13.96
C GLU A 16 -3.49 -4.63 -14.13
N GLU A 17 -2.45 -5.00 -13.37
CA GLU A 17 -1.84 -6.31 -13.50
C GLU A 17 -2.81 -7.43 -13.14
N PHE A 18 -3.72 -7.14 -12.22
CA PHE A 18 -4.73 -8.12 -11.84
C PHE A 18 -5.70 -8.33 -13.01
N LEU A 19 -6.25 -7.24 -13.52
CA LEU A 19 -7.19 -7.31 -14.64
C LEU A 19 -6.54 -7.86 -15.90
N ALA A 20 -5.25 -7.60 -16.05
CA ALA A 20 -4.49 -8.09 -17.20
C ALA A 20 -4.48 -9.62 -17.25
N ASP A 21 -4.66 -10.25 -16.10
CA ASP A 21 -4.63 -11.71 -16.01
C ASP A 21 -6.02 -12.28 -16.28
N ASN A 22 -7.04 -11.53 -15.88
CA ASN A 22 -8.42 -11.96 -16.03
C ASN A 22 -9.33 -10.79 -16.37
N PRO A 23 -9.37 -10.41 -17.65
CA PRO A 23 -10.23 -9.31 -18.13
C PRO A 23 -11.70 -9.57 -17.82
N GLY A 24 -12.35 -8.55 -17.28
CA GLY A 24 -13.77 -8.64 -16.99
C GLY A 24 -14.06 -8.89 -15.53
N ILE A 25 -13.03 -9.21 -14.77
CA ILE A 25 -13.20 -9.49 -13.34
C ILE A 25 -13.49 -8.22 -12.54
N ASP A 26 -13.35 -7.06 -13.18
CA ASP A 26 -13.79 -5.80 -12.60
C ASP A 26 -15.32 -5.84 -12.40
N ALA A 27 -15.96 -4.68 -12.23
CA ALA A 27 -17.41 -4.61 -11.96
C ALA A 27 -18.24 -5.39 -12.98
N GLU A 28 -17.60 -5.77 -14.08
CA GLU A 28 -18.26 -6.51 -15.15
C GLU A 28 -18.73 -7.89 -14.68
N ASP A 29 -17.85 -8.62 -14.01
CA ASP A 29 -18.16 -9.99 -13.60
C ASP A 29 -18.08 -10.17 -12.09
N ALA A 30 -17.02 -9.65 -11.47
CA ALA A 30 -16.84 -9.79 -10.03
C ALA A 30 -17.09 -8.47 -9.32
N ASN A 31 -17.46 -8.53 -8.06
CA ASN A 31 -17.65 -7.35 -7.27
C ASN A 31 -16.42 -7.10 -6.41
N VAL A 32 -15.39 -6.57 -7.05
CA VAL A 32 -14.11 -6.34 -6.39
C VAL A 32 -14.15 -5.03 -5.63
N GLN A 33 -14.96 -4.95 -4.61
CA GLN A 33 -14.92 -3.77 -3.79
C GLN A 33 -14.06 -4.02 -2.57
N GLN A 34 -12.88 -3.41 -2.59
CA GLN A 34 -12.03 -3.31 -1.41
C GLN A 34 -10.85 -2.41 -1.73
N PHE A 35 -10.37 -1.69 -0.75
CA PHE A 35 -9.10 -0.98 -0.90
C PHE A 35 -8.19 -1.35 0.26
N ASN A 36 -7.13 -2.08 -0.06
CA ASN A 36 -6.15 -2.50 0.93
C ASN A 36 -4.76 -2.03 0.50
N ALA A 37 -4.02 -1.42 1.41
CA ALA A 37 -2.67 -0.96 1.10
C ALA A 37 -1.76 -1.06 2.33
N GLN A 38 -0.49 -1.39 2.09
CA GLN A 38 0.48 -1.54 3.19
C GLN A 38 1.89 -1.13 2.77
N LYS A 39 2.59 -0.40 3.64
CA LYS A 39 3.98 -0.04 3.41
C LYS A 39 4.70 0.21 4.74
N TYR A 40 5.65 -0.66 5.07
CA TYR A 40 6.34 -0.56 6.35
C TYR A 40 7.86 -0.49 6.15
N VAL A 41 8.44 0.70 6.41
CA VAL A 41 9.88 0.91 6.37
C VAL A 41 10.29 2.09 7.22
N LEU A 42 11.55 2.11 7.62
CA LEU A 42 12.17 3.29 8.21
C LEU A 42 12.18 4.46 7.22
N GLN A 43 12.72 5.60 7.63
CA GLN A 43 12.74 6.82 6.80
C GLN A 43 13.45 6.59 5.47
N ASP A 44 14.26 5.55 5.39
CA ASP A 44 15.08 5.27 4.21
C ASP A 44 14.20 4.90 3.02
N GLY A 45 12.96 4.50 3.27
CA GLY A 45 12.04 4.27 2.17
C GLY A 45 12.27 2.96 1.46
N ASP A 46 13.09 2.11 2.07
CA ASP A 46 13.51 0.80 1.51
C ASP A 46 12.44 0.12 0.66
N ILE A 47 11.20 0.17 1.13
CA ILE A 47 10.12 -0.59 0.53
C ILE A 47 9.03 0.36 0.02
N MET A 48 8.31 -0.08 -0.99
CA MET A 48 7.17 0.66 -1.52
C MET A 48 5.91 -0.04 -1.06
N TRP A 49 4.76 0.52 -1.37
CA TRP A 49 3.54 0.05 -0.75
C TRP A 49 2.82 -0.97 -1.62
N GLN A 50 2.18 -1.95 -0.99
CA GLN A 50 1.44 -2.97 -1.70
C GLN A 50 -0.03 -2.62 -1.68
N VAL A 51 -0.72 -2.93 -2.76
CA VAL A 51 -2.14 -2.67 -2.86
C VAL A 51 -2.89 -3.96 -3.13
N GLU A 52 -3.96 -4.17 -2.38
CA GLU A 52 -4.70 -5.42 -2.44
C GLU A 52 -6.18 -5.17 -2.61
N PHE A 53 -6.82 -6.05 -3.36
CA PHE A 53 -8.26 -6.00 -3.56
C PHE A 53 -8.82 -7.41 -3.40
N PHE A 54 -10.02 -7.54 -2.87
CA PHE A 54 -10.70 -8.83 -2.87
C PHE A 54 -12.11 -8.68 -3.42
N ALA A 55 -12.66 -9.77 -3.92
CA ALA A 55 -13.87 -9.71 -4.76
C ALA A 55 -15.17 -9.73 -3.97
N ASP A 56 -15.09 -9.57 -2.65
CA ASP A 56 -16.29 -9.42 -1.83
C ASP A 56 -16.01 -8.48 -0.66
N GLU A 57 -16.64 -7.31 -0.64
CA GLU A 57 -16.40 -6.35 0.43
C GLU A 57 -16.72 -6.96 1.78
N GLY A 58 -15.74 -6.99 2.67
CA GLY A 58 -15.93 -7.63 3.97
C GLY A 58 -15.07 -8.86 4.14
N GLU A 59 -14.42 -9.29 3.07
CA GLU A 59 -13.43 -10.35 3.15
C GLU A 59 -12.17 -9.83 3.85
N GLU A 60 -11.03 -10.45 3.62
CA GLU A 60 -9.83 -10.05 4.35
C GLU A 60 -8.64 -9.74 3.46
N GLY A 61 -8.03 -8.60 3.74
CA GLY A 61 -6.77 -8.26 3.10
C GLY A 61 -5.72 -8.00 4.15
N GLU A 62 -4.48 -8.41 3.88
CA GLU A 62 -3.41 -8.32 4.87
C GLU A 62 -3.00 -6.87 5.12
N CYS A 63 -3.55 -5.95 4.35
CA CYS A 63 -3.11 -4.58 4.38
C CYS A 63 -4.05 -3.72 5.22
N LEU A 64 -3.83 -2.41 5.18
CA LEU A 64 -4.66 -1.46 5.87
C LEU A 64 -5.98 -1.27 5.11
N PRO A 65 -7.12 -1.61 5.76
CA PRO A 65 -8.44 -1.40 5.18
C PRO A 65 -8.75 0.09 4.98
N MET A 66 -8.64 0.55 3.75
CA MET A 66 -8.78 1.98 3.46
C MET A 66 -10.21 2.30 3.01
N LEU A 67 -10.67 1.58 2.00
CA LEU A 67 -12.01 1.77 1.47
C LEU A 67 -12.67 0.42 1.22
N SER A 68 -13.98 0.43 1.10
CA SER A 68 -14.72 -0.78 0.80
C SER A 68 -16.08 -0.39 0.23
N GLY A 69 -16.34 -0.83 -0.99
CA GLY A 69 -17.60 -0.50 -1.63
C GLY A 69 -17.42 -0.20 -3.10
N GLU A 70 -18.46 0.37 -3.71
CA GLU A 70 -18.48 0.65 -5.14
C GLU A 70 -17.28 1.49 -5.58
N ALA A 71 -16.82 2.37 -4.69
CA ALA A 71 -15.70 3.24 -5.02
C ALA A 71 -14.41 2.44 -5.11
N ALA A 72 -14.20 1.56 -4.13
CA ALA A 72 -13.04 0.66 -4.13
C ALA A 72 -13.04 -0.21 -5.40
N GLN A 73 -14.22 -0.62 -5.82
CA GLN A 73 -14.39 -1.35 -7.08
C GLN A 73 -14.00 -0.50 -8.26
N SER A 74 -14.39 0.76 -8.22
CA SER A 74 -14.03 1.71 -9.28
C SER A 74 -12.51 1.89 -9.28
N VAL A 75 -11.89 1.72 -8.11
CA VAL A 75 -10.45 1.75 -7.99
C VAL A 75 -9.83 0.58 -8.74
N PHE A 76 -10.52 -0.57 -8.74
CA PHE A 76 -10.05 -1.76 -9.45
C PHE A 76 -10.11 -1.50 -10.96
N ASP A 77 -11.16 -0.79 -11.37
CA ASP A 77 -11.32 -0.38 -12.76
C ASP A 77 -10.23 0.63 -13.14
N GLY A 78 -9.78 1.40 -12.17
CA GLY A 78 -8.78 2.41 -12.42
C GLY A 78 -9.36 3.80 -12.40
N ASP A 79 -10.65 3.88 -12.15
CA ASP A 79 -11.34 5.16 -12.12
C ASP A 79 -11.49 5.64 -10.69
N TYR A 80 -10.39 6.16 -10.16
CA TYR A 80 -10.37 6.65 -8.80
C TYR A 80 -9.53 7.92 -8.71
N ASP A 81 -9.90 8.81 -7.82
CA ASP A 81 -9.12 10.01 -7.60
C ASP A 81 -7.89 9.66 -6.78
N GLU A 82 -6.79 9.36 -7.47
CA GLU A 82 -5.56 8.96 -6.80
C GLU A 82 -5.06 10.05 -5.88
N ILE A 83 -5.20 11.30 -6.31
CA ILE A 83 -4.73 12.43 -5.53
C ILE A 83 -5.54 12.58 -4.25
N GLU A 84 -6.80 12.14 -4.29
CA GLU A 84 -7.66 12.24 -3.13
C GLU A 84 -7.25 11.23 -2.09
N ILE A 85 -7.21 9.96 -2.48
CA ILE A 85 -6.88 8.87 -1.55
C ILE A 85 -5.45 8.97 -1.03
N ARG A 86 -4.55 9.47 -1.87
CA ARG A 86 -3.14 9.56 -1.49
C ARG A 86 -2.90 10.72 -0.52
N GLN A 87 -3.64 11.79 -0.68
CA GLN A 87 -3.46 12.96 0.17
C GLN A 87 -4.15 12.77 1.51
N GLU A 88 -5.08 11.82 1.58
CA GLU A 88 -5.73 11.47 2.83
C GLU A 88 -5.30 10.09 3.29
N TRP A 89 -4.26 9.56 2.65
CA TRP A 89 -3.80 8.21 2.94
C TRP A 89 -3.45 8.05 4.40
N GLN A 90 -3.88 6.94 4.95
CA GLN A 90 -3.79 6.66 6.36
C GLN A 90 -2.38 6.21 6.74
N GLU A 91 -1.72 7.04 7.54
CA GLU A 91 -0.31 6.84 7.89
C GLU A 91 -0.09 5.61 8.75
N GLU A 92 -1.17 4.93 9.14
CA GLU A 92 -1.08 3.74 9.97
C GLU A 92 -0.24 2.66 9.30
N ASN A 93 -0.33 2.56 7.97
CA ASN A 93 0.43 1.56 7.24
C ASN A 93 1.35 2.25 6.26
N THR A 94 1.66 3.48 6.58
CA THR A 94 2.66 4.24 5.88
C THR A 94 3.96 4.20 6.67
N LEU A 95 5.06 4.61 6.06
CA LEU A 95 6.36 4.37 6.65
C LEU A 95 6.65 5.41 7.72
N HIS A 96 7.10 4.93 8.86
CA HIS A 96 7.47 5.78 9.97
C HIS A 96 8.79 6.48 9.69
N GLU A 97 8.78 7.79 9.79
CA GLU A 97 9.95 8.58 9.51
C GLU A 97 10.71 8.90 10.80
N TRP A 98 12.02 8.78 10.74
CA TRP A 98 12.87 9.03 11.88
C TRP A 98 13.31 10.47 11.89
N ASP A 99 13.54 11.02 13.08
CA ASP A 99 13.99 12.39 13.18
C ASP A 99 15.40 12.41 13.73
N GLU A 100 16.03 13.57 13.71
CA GLU A 100 17.43 13.69 14.09
C GLU A 100 17.58 13.87 15.60
N GLY A 101 16.94 12.96 16.35
CA GLY A 101 17.07 12.96 17.79
C GLY A 101 16.19 14.00 18.45
N GLU A 102 15.20 14.49 17.73
CA GLU A 102 14.28 15.46 18.28
C GLU A 102 13.00 14.78 18.76
N PHE A 103 11.92 14.93 17.99
CA PHE A 103 10.67 14.29 18.35
C PHE A 103 9.93 13.82 17.11
N GLN A 104 9.71 12.53 17.02
CA GLN A 104 8.92 11.93 15.97
C GLN A 104 8.66 10.47 16.33
N LEU A 105 7.72 9.83 15.67
CA LEU A 105 7.43 8.43 15.94
C LEU A 105 8.46 7.54 15.26
N GLU A 106 9.28 6.90 16.07
CA GLU A 106 10.37 6.08 15.57
C GLU A 106 10.28 4.64 16.07
N PRO A 107 9.34 3.86 15.50
CA PRO A 107 9.22 2.44 15.76
C PRO A 107 10.27 1.64 14.97
N PRO A 108 10.40 0.32 15.24
CA PRO A 108 11.43 -0.53 14.60
C PRO A 108 11.55 -0.29 13.10
N LEU A 109 12.78 0.00 12.66
CA LEU A 109 13.07 0.34 11.27
C LEU A 109 12.57 -0.74 10.30
N ASP A 110 12.56 -1.99 10.76
CA ASP A 110 12.04 -3.10 9.97
C ASP A 110 11.58 -4.21 10.91
N THR A 111 12.49 -5.09 11.29
CA THR A 111 12.17 -6.12 12.28
C THR A 111 13.41 -6.54 13.08
N GLU A 112 14.60 -6.22 12.54
CA GLU A 112 15.85 -6.57 13.19
C GLU A 112 16.01 -5.87 14.54
N GLU A 113 15.24 -4.81 14.75
CA GLU A 113 15.28 -4.08 16.01
C GLU A 113 14.32 -4.71 17.02
N GLY A 114 14.01 -6.00 16.81
CA GLY A 114 13.13 -6.71 17.72
C GLY A 114 11.67 -6.51 17.40
N ARG A 115 11.40 -5.53 16.54
CA ARG A 115 10.04 -5.19 16.12
C ARG A 115 9.16 -4.85 17.34
N ALA A 116 9.77 -4.13 18.28
CA ALA A 116 9.06 -3.67 19.47
C ALA A 116 9.88 -2.62 20.20
N ALA A 117 10.97 -3.04 20.80
CA ALA A 117 11.83 -2.15 21.56
C ALA A 117 12.85 -1.45 20.65
N ALA A 118 12.36 -0.50 19.87
CA ALA A 118 13.22 0.26 18.98
C ALA A 118 13.96 1.36 19.74
N ASP A 119 15.25 1.45 19.51
CA ASP A 119 16.07 2.51 20.10
C ASP A 119 16.04 3.74 19.22
N GLU A 120 15.10 4.62 19.48
CA GLU A 120 14.90 5.81 18.68
C GLU A 120 15.87 6.92 19.09
N TRP A 121 15.91 7.97 18.27
CA TRP A 121 16.72 9.16 18.52
C TRP A 121 18.21 8.82 18.58
N ASP A 122 18.86 8.93 17.42
CA ASP A 122 20.28 8.63 17.30
C ASP A 122 21.12 9.80 17.82
N GLU A 123 22.44 9.66 17.78
CA GLU A 123 23.35 10.65 18.33
C GLU A 123 23.24 11.99 17.61
N ARG A 124 23.59 12.00 16.33
CA ARG A 124 23.52 13.22 15.55
C ARG A 124 22.13 13.39 14.96
N MET A 1 7.25 -7.25 1.66
CA MET A 1 8.48 -6.58 1.26
C MET A 1 8.47 -6.26 -0.22
N THR A 2 7.34 -6.41 -0.86
CA THR A 2 7.26 -6.24 -2.31
C THR A 2 7.06 -4.77 -2.64
N MET A 3 8.15 -4.03 -2.54
CA MET A 3 8.16 -2.61 -2.85
C MET A 3 7.84 -2.35 -4.32
N TYR A 4 6.86 -1.49 -4.56
CA TYR A 4 6.49 -1.07 -5.91
C TYR A 4 7.28 0.17 -6.31
N ALA A 5 6.79 0.92 -7.27
CA ALA A 5 7.49 2.12 -7.72
C ALA A 5 7.21 3.31 -6.82
N THR A 6 5.94 3.67 -6.64
CA THR A 6 5.57 4.84 -5.85
C THR A 6 4.15 4.72 -5.31
N LEU A 7 3.74 5.68 -4.47
CA LEU A 7 2.39 5.73 -3.92
C LEU A 7 1.36 5.79 -5.04
N GLU A 8 1.59 6.63 -6.03
CA GLU A 8 0.66 6.75 -7.15
C GLU A 8 0.70 5.53 -8.06
N GLU A 9 1.83 4.86 -8.08
CA GLU A 9 2.06 3.75 -9.00
C GLU A 9 1.36 2.46 -8.59
N ALA A 10 1.57 2.04 -7.34
CA ALA A 10 1.14 0.71 -6.89
C ALA A 10 -0.35 0.48 -7.08
N ILE A 11 -1.16 1.51 -6.82
CA ILE A 11 -2.61 1.41 -7.01
C ILE A 11 -2.94 1.09 -8.46
N ASP A 12 -2.21 1.73 -9.37
CA ASP A 12 -2.40 1.53 -10.79
C ASP A 12 -1.85 0.17 -11.22
N ALA A 13 -0.75 -0.23 -10.61
CA ALA A 13 -0.12 -1.51 -10.92
C ALA A 13 -0.95 -2.67 -10.38
N ALA A 14 -1.55 -2.48 -9.22
CA ALA A 14 -2.35 -3.53 -8.59
C ALA A 14 -3.60 -3.83 -9.40
N ARG A 15 -4.29 -2.79 -9.84
CA ARG A 15 -5.47 -2.97 -10.67
C ARG A 15 -5.07 -3.60 -12.00
N GLU A 16 -3.89 -3.23 -12.48
CA GLU A 16 -3.37 -3.73 -13.74
C GLU A 16 -2.97 -5.19 -13.64
N GLU A 17 -2.09 -5.51 -12.70
CA GLU A 17 -1.52 -6.84 -12.57
C GLU A 17 -2.60 -7.88 -12.31
N PHE A 18 -3.62 -7.47 -11.56
CA PHE A 18 -4.73 -8.35 -11.26
C PHE A 18 -5.55 -8.62 -12.52
N LEU A 19 -6.00 -7.55 -13.16
CA LEU A 19 -6.81 -7.66 -14.37
C LEU A 19 -6.05 -8.33 -15.49
N ALA A 20 -4.73 -8.15 -15.50
CA ALA A 20 -3.89 -8.76 -16.52
C ALA A 20 -4.00 -10.29 -16.49
N ASP A 21 -4.30 -10.83 -15.31
CA ASP A 21 -4.42 -12.27 -15.14
C ASP A 21 -5.84 -12.75 -15.43
N ASN A 22 -6.78 -11.81 -15.41
CA ASN A 22 -8.19 -12.12 -15.64
C ASN A 22 -8.98 -10.86 -15.97
N PRO A 23 -8.99 -10.47 -17.25
CA PRO A 23 -9.69 -9.27 -17.70
C PRO A 23 -11.20 -9.37 -17.52
N GLY A 24 -11.81 -8.29 -17.05
CA GLY A 24 -13.25 -8.27 -16.87
C GLY A 24 -13.65 -8.47 -15.43
N ILE A 25 -12.72 -8.93 -14.61
CA ILE A 25 -12.96 -9.18 -13.20
C ILE A 25 -13.35 -7.89 -12.44
N ASP A 26 -13.11 -6.76 -13.09
CA ASP A 26 -13.54 -5.47 -12.59
C ASP A 26 -15.06 -5.39 -12.50
N ALA A 27 -15.60 -4.17 -12.53
CA ALA A 27 -17.04 -3.95 -12.34
C ALA A 27 -17.91 -4.75 -13.32
N GLU A 28 -17.29 -5.39 -14.31
CA GLU A 28 -18.03 -6.16 -15.30
C GLU A 28 -18.41 -7.56 -14.81
N ASP A 29 -17.44 -8.33 -14.33
CA ASP A 29 -17.69 -9.75 -14.02
C ASP A 29 -17.74 -10.03 -12.52
N ALA A 30 -16.79 -9.51 -11.78
CA ALA A 30 -16.72 -9.80 -10.34
C ALA A 30 -16.90 -8.53 -9.53
N ASN A 31 -17.42 -8.66 -8.32
CA ASN A 31 -17.61 -7.51 -7.46
C ASN A 31 -16.36 -7.31 -6.59
N VAL A 32 -15.33 -6.73 -7.17
CA VAL A 32 -14.09 -6.51 -6.45
C VAL A 32 -14.16 -5.22 -5.67
N GLN A 33 -14.87 -5.23 -4.55
CA GLN A 33 -14.90 -4.03 -3.74
C GLN A 33 -13.95 -4.19 -2.58
N GLN A 34 -12.85 -3.46 -2.62
CA GLN A 34 -11.96 -3.32 -1.49
C GLN A 34 -10.88 -2.30 -1.81
N PHE A 35 -10.44 -1.57 -0.81
CA PHE A 35 -9.20 -0.84 -0.95
C PHE A 35 -8.25 -1.28 0.16
N ASN A 36 -7.22 -2.00 -0.23
CA ASN A 36 -6.22 -2.48 0.71
C ASN A 36 -4.84 -2.01 0.29
N ALA A 37 -4.06 -1.54 1.23
CA ALA A 37 -2.70 -1.11 0.94
C ALA A 37 -1.82 -1.19 2.18
N GLN A 38 -0.60 -1.69 2.01
CA GLN A 38 0.38 -1.74 3.08
C GLN A 38 1.80 -1.75 2.54
N LYS A 39 2.72 -1.19 3.31
CA LYS A 39 4.13 -1.29 3.00
C LYS A 39 4.98 -1.10 4.24
N TYR A 40 6.12 -1.73 4.24
CA TYR A 40 7.06 -1.60 5.31
C TYR A 40 8.40 -1.20 4.72
N VAL A 41 8.83 0.00 5.02
CA VAL A 41 10.06 0.54 4.46
C VAL A 41 10.70 1.45 5.49
N LEU A 42 12.01 1.43 5.55
CA LEU A 42 12.76 2.12 6.59
C LEU A 42 12.92 3.60 6.28
N GLN A 43 13.64 4.28 7.17
CA GLN A 43 13.82 5.73 7.10
C GLN A 43 14.46 6.20 5.80
N ASP A 44 14.87 5.26 4.96
CA ASP A 44 15.41 5.62 3.66
C ASP A 44 14.30 6.23 2.83
N GLY A 45 13.06 5.92 3.22
CA GLY A 45 11.94 6.70 2.77
C GLY A 45 11.39 6.33 1.42
N ASP A 46 11.86 5.21 0.86
CA ASP A 46 11.39 4.75 -0.45
C ASP A 46 9.88 4.80 -0.50
N ILE A 47 9.33 5.85 -1.10
CA ILE A 47 7.91 5.95 -1.24
C ILE A 47 7.43 4.95 -2.26
N MET A 48 6.98 3.83 -1.74
CA MET A 48 6.37 2.78 -2.50
C MET A 48 5.52 1.96 -1.57
N TRP A 49 4.58 1.20 -2.08
CA TRP A 49 3.67 0.46 -1.24
C TRP A 49 2.96 -0.63 -2.03
N GLN A 50 2.19 -1.47 -1.35
CA GLN A 50 1.49 -2.55 -2.01
C GLN A 50 -0.01 -2.38 -1.88
N VAL A 51 -0.73 -2.63 -2.96
CA VAL A 51 -2.18 -2.45 -2.98
C VAL A 51 -2.87 -3.76 -3.32
N GLU A 52 -3.93 -4.06 -2.57
CA GLU A 52 -4.62 -5.34 -2.68
C GLU A 52 -6.13 -5.12 -2.78
N PHE A 53 -6.83 -6.13 -3.29
CA PHE A 53 -8.27 -6.08 -3.47
C PHE A 53 -8.89 -7.46 -3.22
N PHE A 54 -10.13 -7.50 -2.76
CA PHE A 54 -10.87 -8.76 -2.70
C PHE A 54 -12.29 -8.58 -3.24
N ALA A 55 -12.96 -9.70 -3.49
CA ALA A 55 -14.21 -9.68 -4.24
C ALA A 55 -15.44 -9.84 -3.36
N ASP A 56 -15.26 -9.73 -2.05
CA ASP A 56 -16.41 -9.64 -1.15
C ASP A 56 -16.15 -8.53 -0.14
N GLU A 57 -16.85 -7.42 -0.30
CA GLU A 57 -16.55 -6.21 0.48
C GLU A 57 -16.65 -6.45 1.99
N GLY A 58 -15.59 -6.12 2.69
CA GLY A 58 -15.60 -6.20 4.14
C GLY A 58 -15.13 -7.54 4.68
N GLU A 59 -14.55 -8.39 3.83
CA GLU A 59 -14.04 -9.67 4.29
C GLU A 59 -12.79 -9.48 5.14
N GLU A 60 -11.61 -9.64 4.54
CA GLU A 60 -10.36 -9.38 5.26
C GLU A 60 -9.19 -9.26 4.29
N GLY A 61 -8.47 -8.16 4.40
CA GLY A 61 -7.27 -7.99 3.62
C GLY A 61 -6.08 -7.79 4.52
N GLU A 62 -4.92 -8.26 4.08
CA GLU A 62 -3.70 -8.13 4.88
C GLU A 62 -3.10 -6.73 4.76
N CYS A 63 -3.98 -5.73 4.73
CA CYS A 63 -3.58 -4.37 4.50
C CYS A 63 -4.55 -3.43 5.19
N LEU A 64 -4.30 -2.13 5.04
CA LEU A 64 -5.17 -1.11 5.60
C LEU A 64 -6.44 -0.96 4.76
N PRO A 65 -7.60 -1.31 5.32
CA PRO A 65 -8.90 -1.14 4.66
C PRO A 65 -9.34 0.33 4.60
N MET A 66 -9.18 0.95 3.45
CA MET A 66 -9.58 2.34 3.28
C MET A 66 -11.00 2.45 2.76
N LEU A 67 -11.37 1.55 1.87
CA LEU A 67 -12.69 1.57 1.27
C LEU A 67 -13.21 0.15 1.08
N SER A 68 -14.52 0.03 1.05
CA SER A 68 -15.21 -1.21 0.77
C SER A 68 -16.54 -0.90 0.11
N GLY A 69 -16.73 -1.40 -1.10
CA GLY A 69 -17.94 -1.12 -1.83
C GLY A 69 -17.67 -0.75 -3.27
N GLU A 70 -18.70 -0.33 -3.98
CA GLU A 70 -18.59 0.00 -5.40
C GLU A 70 -17.53 1.07 -5.67
N ALA A 71 -17.28 1.92 -4.68
CA ALA A 71 -16.25 2.94 -4.80
C ALA A 71 -14.88 2.30 -4.94
N ALA A 72 -14.58 1.36 -4.06
CA ALA A 72 -13.32 0.63 -4.09
C ALA A 72 -13.26 -0.26 -5.32
N GLN A 73 -14.41 -0.75 -5.74
CA GLN A 73 -14.53 -1.51 -6.97
C GLN A 73 -14.22 -0.64 -8.17
N SER A 74 -14.65 0.61 -8.11
CA SER A 74 -14.30 1.58 -9.14
C SER A 74 -12.79 1.76 -9.17
N VAL A 75 -12.19 1.71 -7.98
CA VAL A 75 -10.74 1.78 -7.85
C VAL A 75 -10.07 0.63 -8.60
N PHE A 76 -10.68 -0.57 -8.55
CA PHE A 76 -10.15 -1.72 -9.26
C PHE A 76 -10.34 -1.56 -10.76
N ASP A 77 -11.46 -0.92 -11.11
CA ASP A 77 -11.78 -0.65 -12.51
C ASP A 77 -10.87 0.44 -13.09
N GLY A 78 -10.34 1.27 -12.21
CA GLY A 78 -9.44 2.33 -12.63
C GLY A 78 -10.07 3.71 -12.52
N ASP A 79 -11.25 3.76 -11.93
CA ASP A 79 -11.94 5.03 -11.73
C ASP A 79 -11.73 5.51 -10.30
N TYR A 80 -10.54 6.02 -10.05
CA TYR A 80 -10.21 6.59 -8.75
C TYR A 80 -9.30 7.79 -8.93
N ASP A 81 -9.36 8.72 -7.99
CA ASP A 81 -8.43 9.83 -7.98
C ASP A 81 -7.35 9.58 -6.95
N GLU A 82 -6.15 9.30 -7.44
CA GLU A 82 -5.02 8.99 -6.58
C GLU A 82 -4.75 10.13 -5.62
N ILE A 83 -4.94 11.36 -6.08
CA ILE A 83 -4.68 12.53 -5.25
C ILE A 83 -5.60 12.57 -4.04
N GLU A 84 -6.82 12.04 -4.21
CA GLU A 84 -7.80 12.03 -3.14
C GLU A 84 -7.36 11.09 -2.02
N ILE A 85 -7.08 9.85 -2.38
CA ILE A 85 -6.69 8.83 -1.40
C ILE A 85 -5.30 9.09 -0.84
N ARG A 86 -4.40 9.59 -1.67
CA ARG A 86 -3.03 9.84 -1.23
C ARG A 86 -2.98 11.02 -0.26
N GLN A 87 -3.86 11.98 -0.47
CA GLN A 87 -3.89 13.16 0.39
C GLN A 87 -4.42 12.82 1.77
N GLU A 88 -5.23 11.77 1.84
CA GLU A 88 -5.77 11.30 3.11
C GLU A 88 -5.33 9.87 3.37
N TRP A 89 -4.13 9.54 2.90
CA TRP A 89 -3.60 8.22 3.12
C TRP A 89 -3.05 8.11 4.53
N GLN A 90 -3.20 6.94 5.12
CA GLN A 90 -2.92 6.75 6.54
C GLN A 90 -1.58 6.07 6.75
N GLU A 91 -0.74 6.71 7.55
CA GLU A 91 0.62 6.23 7.81
C GLU A 91 0.65 4.98 8.69
N GLU A 92 -0.52 4.44 9.00
CA GLU A 92 -0.61 3.20 9.77
C GLU A 92 0.14 2.08 9.07
N ASN A 93 -0.12 1.93 7.78
CA ASN A 93 0.47 0.87 6.99
C ASN A 93 1.50 1.42 6.02
N THR A 94 1.63 2.72 6.00
CA THR A 94 2.72 3.41 5.30
C THR A 94 4.05 3.15 5.98
N LEU A 95 5.14 3.49 5.31
CA LEU A 95 6.47 3.25 5.83
C LEU A 95 6.84 4.32 6.86
N HIS A 96 7.96 4.11 7.52
CA HIS A 96 8.28 4.81 8.76
C HIS A 96 9.74 5.23 8.84
N GLU A 97 9.98 6.33 9.54
CA GLU A 97 11.32 6.85 9.70
C GLU A 97 11.95 6.40 11.01
N TRP A 98 13.27 6.44 11.05
CA TRP A 98 14.04 6.01 12.20
C TRP A 98 14.77 7.22 12.78
N ASP A 99 15.59 6.98 13.79
CA ASP A 99 16.46 8.01 14.32
C ASP A 99 17.90 7.54 14.23
N GLU A 100 18.73 8.29 13.52
CA GLU A 100 20.10 7.88 13.21
C GLU A 100 21.04 8.10 14.40
N GLY A 101 20.66 7.59 15.56
CA GLY A 101 21.46 7.72 16.75
C GLY A 101 20.87 8.72 17.71
N GLU A 102 19.99 9.56 17.18
CA GLU A 102 19.34 10.61 17.95
C GLU A 102 18.56 10.02 19.12
N PHE A 103 17.72 9.06 18.79
CA PHE A 103 16.92 8.33 19.76
C PHE A 103 16.81 6.91 19.23
N GLN A 104 16.64 5.93 20.09
CA GLN A 104 16.48 4.58 19.57
C GLN A 104 15.01 4.27 19.41
N LEU A 105 14.55 4.39 18.18
CA LEU A 105 13.23 3.98 17.79
C LEU A 105 13.37 3.05 16.59
N GLU A 106 13.07 1.78 16.78
CA GLU A 106 13.25 0.82 15.70
C GLU A 106 11.93 0.29 15.18
N PRO A 107 11.37 0.89 14.14
CA PRO A 107 10.31 0.28 13.39
C PRO A 107 10.90 -0.59 12.28
N PRO A 108 10.61 -1.90 12.28
CA PRO A 108 11.17 -2.85 11.31
C PRO A 108 11.17 -2.32 9.88
N LEU A 109 12.35 -2.29 9.25
CA LEU A 109 12.49 -1.79 7.88
C LEU A 109 11.56 -2.54 6.94
N ASP A 110 11.21 -3.76 7.32
CA ASP A 110 10.15 -4.50 6.64
C ASP A 110 9.62 -5.57 7.60
N THR A 111 10.36 -6.66 7.76
CA THR A 111 10.00 -7.67 8.75
C THR A 111 11.13 -8.67 9.02
N GLU A 112 11.73 -9.26 7.97
CA GLU A 112 12.72 -10.33 8.17
C GLU A 112 14.08 -9.79 8.58
N GLU A 113 14.12 -8.54 9.01
CA GLU A 113 15.35 -7.95 9.54
C GLU A 113 15.47 -8.30 11.03
N GLY A 114 14.39 -8.80 11.58
CA GLY A 114 14.37 -9.18 12.98
C GLY A 114 13.09 -8.75 13.64
N ARG A 115 12.61 -7.56 13.26
CA ARG A 115 11.36 -7.01 13.77
C ARG A 115 11.47 -6.74 15.27
N ALA A 116 11.83 -5.50 15.59
CA ALA A 116 12.06 -5.07 16.96
C ALA A 116 13.27 -5.80 17.54
N ALA A 117 14.33 -5.86 16.75
CA ALA A 117 15.53 -6.60 17.11
C ALA A 117 16.71 -6.20 16.23
N ALA A 118 16.72 -4.95 15.78
CA ALA A 118 17.79 -4.45 14.93
C ALA A 118 18.94 -3.92 15.77
N ASP A 119 20.02 -3.52 15.12
CA ASP A 119 21.24 -3.10 15.80
C ASP A 119 21.15 -1.63 16.25
N GLU A 120 20.11 -1.34 17.07
CA GLU A 120 19.97 -0.05 17.74
C GLU A 120 19.72 1.11 16.77
N TRP A 121 20.76 1.53 16.07
CA TRP A 121 20.67 2.70 15.20
C TRP A 121 21.26 2.41 13.83
N ASP A 122 20.89 3.22 12.86
CA ASP A 122 21.48 3.15 11.52
C ASP A 122 22.47 4.28 11.35
N GLU A 123 23.70 3.93 11.03
CA GLU A 123 24.77 4.91 10.95
C GLU A 123 24.94 5.39 9.51
N ARG A 124 24.35 6.53 9.22
CA ARG A 124 24.36 7.07 7.88
C ARG A 124 24.93 8.48 7.88
N MET A 1 6.47 -6.35 1.49
CA MET A 1 7.78 -6.22 0.83
C MET A 1 7.69 -6.39 -0.68
N THR A 2 6.48 -6.33 -1.23
CA THR A 2 6.31 -6.36 -2.67
C THR A 2 6.40 -4.94 -3.24
N MET A 3 7.63 -4.46 -3.39
CA MET A 3 7.87 -3.08 -3.78
C MET A 3 7.34 -2.74 -5.17
N TYR A 4 6.63 -1.63 -5.22
CA TYR A 4 6.23 -1.01 -6.48
C TYR A 4 7.12 0.21 -6.72
N ALA A 5 6.59 1.24 -7.37
CA ALA A 5 7.41 2.42 -7.65
C ALA A 5 7.04 3.61 -6.77
N THR A 6 5.78 3.68 -6.34
CA THR A 6 5.27 4.84 -5.61
C THR A 6 3.83 4.60 -5.14
N LEU A 7 3.29 5.56 -4.40
CA LEU A 7 1.89 5.52 -3.96
C LEU A 7 0.95 5.47 -5.16
N GLU A 8 1.06 6.45 -6.04
CA GLU A 8 0.19 6.53 -7.20
C GLU A 8 0.41 5.34 -8.15
N GLU A 9 1.60 4.76 -8.07
CA GLU A 9 1.97 3.65 -8.96
C GLU A 9 1.25 2.35 -8.60
N ALA A 10 1.35 1.96 -7.34
CA ALA A 10 0.91 0.62 -6.94
C ALA A 10 -0.57 0.41 -7.15
N ILE A 11 -1.37 1.45 -6.92
CA ILE A 11 -2.80 1.35 -7.14
C ILE A 11 -3.12 1.07 -8.60
N ASP A 12 -2.35 1.69 -9.49
CA ASP A 12 -2.52 1.49 -10.93
C ASP A 12 -1.98 0.13 -11.34
N ALA A 13 -0.87 -0.26 -10.75
CA ALA A 13 -0.24 -1.53 -11.06
C ALA A 13 -1.03 -2.71 -10.50
N ALA A 14 -1.62 -2.54 -9.32
CA ALA A 14 -2.32 -3.62 -8.66
C ALA A 14 -3.57 -4.01 -9.43
N ARG A 15 -4.30 -3.00 -9.89
CA ARG A 15 -5.48 -3.22 -10.70
C ARG A 15 -5.07 -3.92 -12.00
N GLU A 16 -3.89 -3.57 -12.50
CA GLU A 16 -3.34 -4.16 -13.71
C GLU A 16 -2.91 -5.61 -13.48
N GLU A 17 -2.04 -5.81 -12.50
CA GLU A 17 -1.45 -7.13 -12.25
C GLU A 17 -2.52 -8.16 -11.92
N PHE A 18 -3.54 -7.75 -11.17
CA PHE A 18 -4.60 -8.66 -10.79
C PHE A 18 -5.44 -9.01 -12.03
N LEU A 19 -5.83 -8.00 -12.78
CA LEU A 19 -6.63 -8.20 -13.99
C LEU A 19 -5.86 -8.95 -15.06
N ALA A 20 -4.54 -8.78 -15.07
CA ALA A 20 -3.68 -9.47 -16.02
C ALA A 20 -3.91 -10.97 -16.02
N ASP A 21 -4.29 -11.51 -14.86
CA ASP A 21 -4.50 -12.96 -14.73
C ASP A 21 -5.95 -13.34 -15.01
N ASN A 22 -6.84 -12.35 -14.96
CA ASN A 22 -8.27 -12.58 -15.14
C ASN A 22 -8.99 -11.30 -15.54
N PRO A 23 -8.85 -10.91 -16.81
CA PRO A 23 -9.53 -9.73 -17.34
C PRO A 23 -11.05 -9.86 -17.25
N GLY A 24 -11.70 -8.80 -16.80
CA GLY A 24 -13.15 -8.80 -16.72
C GLY A 24 -13.65 -9.06 -15.31
N ILE A 25 -12.74 -9.34 -14.40
CA ILE A 25 -13.09 -9.56 -13.01
C ILE A 25 -13.45 -8.26 -12.30
N ASP A 26 -13.11 -7.14 -12.93
CA ASP A 26 -13.49 -5.83 -12.48
C ASP A 26 -15.02 -5.68 -12.46
N ALA A 27 -15.52 -4.46 -12.50
CA ALA A 27 -16.96 -4.21 -12.34
C ALA A 27 -17.82 -5.05 -13.29
N GLU A 28 -17.22 -5.64 -14.32
CA GLU A 28 -17.96 -6.45 -15.27
C GLU A 28 -18.53 -7.72 -14.62
N ASP A 29 -17.67 -8.50 -13.98
CA ASP A 29 -18.11 -9.81 -13.47
C ASP A 29 -18.15 -9.87 -11.95
N ALA A 30 -17.10 -9.39 -11.29
CA ALA A 30 -17.02 -9.50 -9.84
C ALA A 30 -17.13 -8.13 -9.18
N ASN A 31 -17.78 -8.09 -8.02
CA ASN A 31 -17.91 -6.84 -7.27
C ASN A 31 -16.66 -6.62 -6.43
N VAL A 32 -15.62 -6.11 -7.08
CA VAL A 32 -14.33 -5.94 -6.44
C VAL A 32 -14.30 -4.70 -5.57
N GLN A 33 -15.07 -4.68 -4.49
CA GLN A 33 -14.98 -3.55 -3.58
C GLN A 33 -14.01 -3.89 -2.47
N GLN A 34 -12.86 -3.25 -2.50
CA GLN A 34 -11.94 -3.23 -1.39
C GLN A 34 -10.81 -2.27 -1.70
N PHE A 35 -10.29 -1.61 -0.69
CA PHE A 35 -9.04 -0.92 -0.84
C PHE A 35 -8.10 -1.37 0.26
N ASN A 36 -7.07 -2.11 -0.13
CA ASN A 36 -6.07 -2.61 0.80
C ASN A 36 -4.70 -2.11 0.38
N ALA A 37 -3.98 -1.50 1.30
CA ALA A 37 -2.63 -1.04 1.01
C ALA A 37 -1.75 -1.06 2.26
N GLN A 38 -0.51 -1.52 2.12
CA GLN A 38 0.44 -1.52 3.24
C GLN A 38 1.89 -1.28 2.77
N LYS A 39 2.68 -0.59 3.59
CA LYS A 39 4.10 -0.37 3.31
C LYS A 39 4.88 -0.12 4.61
N TYR A 40 6.10 -0.63 4.72
CA TYR A 40 6.95 -0.32 5.87
C TYR A 40 8.42 -0.16 5.49
N VAL A 41 8.91 1.08 5.52
CA VAL A 41 10.34 1.39 5.37
C VAL A 41 10.69 2.71 6.01
N LEU A 42 11.96 2.91 6.32
CA LEU A 42 12.47 4.20 6.80
C LEU A 42 12.14 5.33 5.80
N GLN A 43 12.51 6.55 6.16
CA GLN A 43 12.20 7.72 5.32
C GLN A 43 12.82 7.63 3.93
N ASP A 44 13.77 6.72 3.79
CA ASP A 44 14.48 6.58 2.53
C ASP A 44 13.57 6.01 1.45
N GLY A 45 12.48 5.35 1.85
CA GLY A 45 11.50 4.92 0.87
C GLY A 45 11.88 3.67 0.13
N ASP A 46 12.94 2.99 0.61
CA ASP A 46 13.46 1.76 -0.01
C ASP A 46 12.37 0.86 -0.59
N ILE A 47 11.32 0.63 0.17
CA ILE A 47 10.21 -0.20 -0.27
C ILE A 47 9.00 0.69 -0.59
N MET A 48 8.23 0.27 -1.56
CA MET A 48 7.01 0.98 -1.91
C MET A 48 5.82 0.18 -1.44
N TRP A 49 4.62 0.69 -1.64
CA TRP A 49 3.47 0.15 -0.95
C TRP A 49 2.74 -0.87 -1.81
N GLN A 50 2.11 -1.83 -1.14
CA GLN A 50 1.36 -2.88 -1.82
C GLN A 50 -0.11 -2.55 -1.79
N VAL A 51 -0.79 -2.81 -2.90
CA VAL A 51 -2.22 -2.57 -2.99
C VAL A 51 -2.93 -3.85 -3.38
N GLU A 52 -4.02 -4.14 -2.69
CA GLU A 52 -4.77 -5.38 -2.88
C GLU A 52 -6.26 -5.10 -2.96
N PHE A 53 -6.97 -6.01 -3.62
CA PHE A 53 -8.42 -5.92 -3.76
C PHE A 53 -9.03 -7.31 -3.60
N PHE A 54 -10.28 -7.38 -3.18
CA PHE A 54 -11.03 -8.64 -3.21
C PHE A 54 -12.47 -8.37 -3.63
N ALA A 55 -13.17 -9.43 -4.05
CA ALA A 55 -14.47 -9.29 -4.70
C ALA A 55 -15.65 -9.43 -3.76
N ASP A 56 -15.39 -9.46 -2.47
CA ASP A 56 -16.46 -9.39 -1.48
C ASP A 56 -16.05 -8.46 -0.36
N GLU A 57 -16.64 -7.28 -0.32
CA GLU A 57 -16.34 -6.30 0.71
C GLU A 57 -16.50 -6.93 2.10
N GLY A 58 -15.41 -7.00 2.85
CA GLY A 58 -15.44 -7.65 4.14
C GLY A 58 -14.60 -8.92 4.19
N GLU A 59 -14.02 -9.30 3.04
CA GLU A 59 -13.08 -10.41 2.99
C GLU A 59 -11.74 -10.00 3.62
N GLU A 60 -10.65 -10.63 3.21
CA GLU A 60 -9.36 -10.35 3.81
C GLU A 60 -8.31 -9.96 2.78
N GLY A 61 -7.66 -8.83 3.01
CA GLY A 61 -6.50 -8.45 2.24
C GLY A 61 -5.30 -8.31 3.14
N GLU A 62 -4.09 -8.50 2.60
CA GLU A 62 -2.87 -8.52 3.41
C GLU A 62 -2.40 -7.11 3.78
N CYS A 63 -3.33 -6.16 3.83
CA CYS A 63 -2.97 -4.77 3.98
C CYS A 63 -3.90 -4.03 4.94
N LEU A 64 -3.73 -2.71 4.97
CA LEU A 64 -4.60 -1.83 5.73
C LEU A 64 -5.91 -1.59 4.97
N PRO A 65 -7.03 -2.04 5.55
CA PRO A 65 -8.37 -1.75 5.02
C PRO A 65 -8.65 -0.26 4.97
N MET A 66 -8.76 0.29 3.76
CA MET A 66 -8.92 1.73 3.59
C MET A 66 -10.36 2.06 3.18
N LEU A 67 -10.79 1.50 2.06
CA LEU A 67 -12.11 1.78 1.52
C LEU A 67 -12.84 0.48 1.23
N SER A 68 -14.15 0.57 1.10
CA SER A 68 -14.97 -0.59 0.82
C SER A 68 -16.29 -0.16 0.20
N GLY A 69 -16.55 -0.62 -1.01
CA GLY A 69 -17.76 -0.25 -1.72
C GLY A 69 -17.49 0.04 -3.17
N GLU A 70 -18.48 0.62 -3.85
CA GLU A 70 -18.38 0.92 -5.29
C GLU A 70 -17.17 1.80 -5.59
N ALA A 71 -16.78 2.64 -4.64
CA ALA A 71 -15.62 3.51 -4.81
C ALA A 71 -14.36 2.67 -4.99
N ALA A 72 -14.12 1.78 -4.03
CA ALA A 72 -12.98 0.88 -4.07
C ALA A 72 -13.05 -0.04 -5.30
N GLN A 73 -14.27 -0.44 -5.65
CA GLN A 73 -14.52 -1.21 -6.86
C GLN A 73 -14.06 -0.44 -8.09
N SER A 74 -14.47 0.82 -8.17
CA SER A 74 -14.07 1.67 -9.28
C SER A 74 -12.55 1.83 -9.32
N VAL A 75 -11.92 1.78 -8.15
CA VAL A 75 -10.47 1.84 -8.06
C VAL A 75 -9.81 0.70 -8.84
N PHE A 76 -10.46 -0.46 -8.82
CA PHE A 76 -9.94 -1.62 -9.53
C PHE A 76 -10.13 -1.46 -11.03
N ASP A 77 -11.19 -0.75 -11.39
CA ASP A 77 -11.47 -0.45 -12.80
C ASP A 77 -10.53 0.63 -13.32
N GLY A 78 -9.98 1.41 -12.40
CA GLY A 78 -9.13 2.51 -12.78
C GLY A 78 -9.78 3.85 -12.55
N ASP A 79 -11.03 3.81 -12.11
CA ASP A 79 -11.79 5.02 -11.83
C ASP A 79 -11.55 5.46 -10.39
N TYR A 80 -10.38 6.05 -10.15
CA TYR A 80 -10.03 6.53 -8.82
C TYR A 80 -9.25 7.83 -8.91
N ASP A 81 -9.50 8.72 -7.95
CA ASP A 81 -8.70 9.93 -7.82
C ASP A 81 -7.57 9.67 -6.84
N GLU A 82 -6.40 9.31 -7.36
CA GLU A 82 -5.27 8.97 -6.51
C GLU A 82 -4.85 10.15 -5.64
N ILE A 83 -5.08 11.36 -6.10
CA ILE A 83 -4.81 12.56 -5.30
C ILE A 83 -5.63 12.54 -4.02
N GLU A 84 -6.87 12.08 -4.14
CA GLU A 84 -7.79 12.07 -3.01
C GLU A 84 -7.33 11.06 -1.97
N ILE A 85 -7.17 9.81 -2.40
CA ILE A 85 -6.82 8.72 -1.49
C ILE A 85 -5.41 8.86 -0.94
N ARG A 86 -4.49 9.39 -1.73
CA ARG A 86 -3.11 9.55 -1.28
C ARG A 86 -2.98 10.67 -0.27
N GLN A 87 -3.79 11.71 -0.46
CA GLN A 87 -3.72 12.88 0.39
C GLN A 87 -4.36 12.62 1.75
N GLU A 88 -5.31 11.68 1.79
CA GLU A 88 -5.92 11.29 3.05
C GLU A 88 -5.52 9.87 3.39
N TRP A 89 -4.46 9.38 2.75
CA TRP A 89 -4.01 8.01 2.98
C TRP A 89 -3.59 7.84 4.43
N GLN A 90 -4.00 6.72 4.98
CA GLN A 90 -3.90 6.45 6.39
C GLN A 90 -2.48 6.03 6.77
N GLU A 91 -1.82 6.88 7.56
CA GLU A 91 -0.42 6.70 7.92
C GLU A 91 -0.22 5.58 8.94
N GLU A 92 -1.27 4.81 9.19
CA GLU A 92 -1.18 3.64 10.05
C GLU A 92 -0.33 2.56 9.40
N ASN A 93 -0.46 2.41 8.09
CA ASN A 93 0.30 1.40 7.36
C ASN A 93 1.20 2.06 6.32
N THR A 94 1.45 3.32 6.53
CA THR A 94 2.39 4.07 5.72
C THR A 94 3.77 3.98 6.34
N LEU A 95 4.80 4.34 5.58
CA LEU A 95 6.16 4.12 5.99
C LEU A 95 6.59 5.19 6.98
N HIS A 96 7.33 4.74 7.96
CA HIS A 96 7.75 5.56 9.08
C HIS A 96 8.82 6.56 8.66
N GLU A 97 8.63 7.80 9.08
CA GLU A 97 9.49 8.89 8.66
C GLU A 97 10.40 9.30 9.80
N TRP A 98 11.64 9.59 9.46
CA TRP A 98 12.65 9.88 10.47
C TRP A 98 13.18 11.30 10.32
N ASP A 99 13.82 11.78 11.37
CA ASP A 99 14.52 13.05 11.33
C ASP A 99 15.54 13.08 12.47
N GLU A 100 16.41 14.07 12.47
CA GLU A 100 17.44 14.18 13.48
C GLU A 100 16.88 14.85 14.74
N GLY A 101 15.76 14.33 15.22
CA GLY A 101 15.16 14.82 16.44
C GLY A 101 14.08 15.85 16.21
N GLU A 102 13.77 16.11 14.94
CA GLU A 102 12.81 17.16 14.60
C GLU A 102 11.45 16.56 14.21
N PHE A 103 11.22 15.32 14.55
CA PHE A 103 10.04 14.62 14.08
C PHE A 103 9.27 13.98 15.23
N GLN A 104 8.06 13.56 14.93
CA GLN A 104 7.22 12.84 15.87
C GLN A 104 7.57 11.35 15.76
N LEU A 105 6.79 10.48 16.42
CA LEU A 105 7.10 9.04 16.50
C LEU A 105 7.74 8.49 15.21
N GLU A 106 8.93 7.93 15.38
CA GLU A 106 9.66 7.32 14.30
C GLU A 106 9.78 5.81 14.53
N PRO A 107 8.77 5.04 14.10
CA PRO A 107 8.73 3.58 14.27
C PRO A 107 9.95 2.88 13.66
N PRO A 108 10.33 1.72 14.24
CA PRO A 108 11.53 0.97 13.82
C PRO A 108 11.55 0.73 12.31
N LEU A 109 12.60 1.24 11.65
CA LEU A 109 12.65 1.30 10.19
C LEU A 109 12.47 -0.06 9.54
N ASP A 110 12.95 -1.10 10.20
CA ASP A 110 12.80 -2.46 9.71
C ASP A 110 12.96 -3.43 10.87
N THR A 111 12.23 -3.13 11.95
CA THR A 111 12.23 -3.92 13.21
C THR A 111 13.57 -3.91 13.93
N GLU A 112 14.68 -4.06 13.21
CA GLU A 112 16.00 -4.07 13.80
C GLU A 112 16.32 -2.74 14.48
N GLU A 113 15.57 -1.71 14.13
CA GLU A 113 15.79 -0.38 14.66
C GLU A 113 14.80 -0.08 15.78
N GLY A 114 14.44 -1.14 16.51
CA GLY A 114 13.53 -1.00 17.62
C GLY A 114 13.03 -2.33 18.08
N ARG A 115 11.87 -2.73 17.59
CA ARG A 115 11.26 -4.02 17.94
C ARG A 115 11.00 -4.07 19.44
N ALA A 116 10.83 -2.89 20.02
CA ALA A 116 10.60 -2.76 21.44
C ALA A 116 9.77 -1.52 21.76
N ALA A 117 10.35 -0.35 21.55
CA ALA A 117 9.66 0.90 21.80
C ALA A 117 10.07 1.98 20.82
N ALA A 118 10.61 1.57 19.67
CA ALA A 118 11.02 2.48 18.59
C ALA A 118 12.18 3.39 18.99
N ASP A 119 13.28 3.28 18.28
CA ASP A 119 14.45 4.13 18.53
C ASP A 119 14.30 5.45 17.79
N GLU A 120 13.32 6.25 18.21
CA GLU A 120 13.00 7.51 17.57
C GLU A 120 14.05 8.58 17.87
N TRP A 121 13.99 9.66 17.08
CA TRP A 121 14.94 10.77 17.18
C TRP A 121 16.36 10.32 16.84
N ASP A 122 16.68 10.40 15.55
CA ASP A 122 18.01 10.05 15.08
C ASP A 122 19.04 11.06 15.59
N GLU A 123 20.16 10.54 16.06
CA GLU A 123 21.23 11.37 16.60
C GLU A 123 22.56 10.65 16.43
N ARG A 124 22.59 9.41 16.87
CA ARG A 124 23.77 8.57 16.73
C ARG A 124 23.52 7.52 15.66
N MET A 1 8.29 -5.63 1.18
CA MET A 1 9.40 -4.86 0.60
C MET A 1 9.29 -4.77 -0.93
N THR A 2 8.17 -5.20 -1.48
CA THR A 2 7.99 -5.17 -2.91
C THR A 2 7.62 -3.77 -3.37
N MET A 3 8.63 -2.94 -3.49
CA MET A 3 8.44 -1.57 -3.95
C MET A 3 8.10 -1.57 -5.44
N TYR A 4 6.98 -0.92 -5.77
CA TYR A 4 6.50 -0.83 -7.14
C TYR A 4 7.13 0.35 -7.87
N ALA A 5 6.48 1.50 -7.83
CA ALA A 5 7.01 2.71 -8.43
C ALA A 5 6.87 3.88 -7.47
N THR A 6 5.64 4.13 -7.01
CA THR A 6 5.37 5.17 -6.01
C THR A 6 4.01 4.94 -5.34
N LEU A 7 3.68 5.81 -4.40
CA LEU A 7 2.40 5.78 -3.72
C LEU A 7 1.24 5.94 -4.72
N GLU A 8 1.43 6.77 -5.72
CA GLU A 8 0.39 7.00 -6.73
C GLU A 8 0.30 5.85 -7.74
N GLU A 9 1.42 5.18 -7.96
CA GLU A 9 1.53 4.18 -9.02
C GLU A 9 0.90 2.84 -8.68
N ALA A 10 1.26 2.28 -7.53
CA ALA A 10 0.92 0.89 -7.20
C ALA A 10 -0.57 0.62 -7.24
N ILE A 11 -1.38 1.62 -6.96
CA ILE A 11 -2.83 1.48 -7.04
C ILE A 11 -3.24 1.12 -8.47
N ASP A 12 -2.63 1.80 -9.43
CA ASP A 12 -2.85 1.56 -10.85
C ASP A 12 -2.24 0.22 -11.27
N ALA A 13 -1.09 -0.11 -10.68
CA ALA A 13 -0.42 -1.36 -10.99
C ALA A 13 -1.15 -2.57 -10.41
N ALA A 14 -1.73 -2.39 -9.23
CA ALA A 14 -2.34 -3.50 -8.51
C ALA A 14 -3.61 -3.98 -9.20
N ARG A 15 -4.41 -3.03 -9.66
CA ARG A 15 -5.62 -3.36 -10.40
C ARG A 15 -5.24 -4.16 -11.65
N GLU A 16 -4.14 -3.78 -12.27
CA GLU A 16 -3.63 -4.43 -13.46
C GLU A 16 -3.05 -5.81 -13.12
N GLU A 17 -2.16 -5.84 -12.14
CA GLU A 17 -1.50 -7.07 -11.72
C GLU A 17 -2.51 -8.11 -11.26
N PHE A 18 -3.57 -7.66 -10.60
CA PHE A 18 -4.64 -8.56 -10.15
C PHE A 18 -5.34 -9.15 -11.37
N LEU A 19 -5.65 -8.29 -12.34
CA LEU A 19 -6.31 -8.72 -13.57
C LEU A 19 -5.43 -9.67 -14.37
N ALA A 20 -4.12 -9.49 -14.25
CA ALA A 20 -3.16 -10.34 -14.94
C ALA A 20 -3.37 -11.83 -14.64
N ASP A 21 -3.88 -12.13 -13.46
CA ASP A 21 -4.13 -13.51 -13.06
C ASP A 21 -5.56 -13.95 -13.41
N ASN A 22 -6.43 -12.99 -13.68
CA ASN A 22 -7.82 -13.29 -13.98
C ASN A 22 -8.52 -12.09 -14.64
N PRO A 23 -8.39 -11.98 -15.98
CA PRO A 23 -9.04 -10.90 -16.73
C PRO A 23 -10.56 -11.01 -16.67
N GLY A 24 -11.21 -9.87 -16.45
CA GLY A 24 -12.66 -9.83 -16.46
C GLY A 24 -13.23 -9.80 -15.06
N ILE A 25 -12.40 -10.07 -14.06
CA ILE A 25 -12.83 -10.11 -12.68
C ILE A 25 -13.17 -8.73 -12.14
N ASP A 26 -12.74 -7.69 -12.86
CA ASP A 26 -13.11 -6.31 -12.56
C ASP A 26 -14.64 -6.13 -12.58
N ALA A 27 -15.12 -4.90 -12.67
CA ALA A 27 -16.56 -4.61 -12.69
C ALA A 27 -17.31 -5.46 -13.73
N GLU A 28 -16.56 -6.06 -14.65
CA GLU A 28 -17.14 -6.91 -15.68
C GLU A 28 -17.87 -8.11 -15.09
N ASP A 29 -17.19 -8.89 -14.24
CA ASP A 29 -17.77 -10.14 -13.75
C ASP A 29 -17.92 -10.17 -12.24
N ALA A 30 -16.90 -9.74 -11.52
CA ALA A 30 -16.94 -9.79 -10.06
C ALA A 30 -17.03 -8.39 -9.46
N ASN A 31 -17.58 -8.30 -8.26
CA ASN A 31 -17.68 -7.02 -7.57
C ASN A 31 -16.46 -6.81 -6.66
N VAL A 32 -15.38 -6.36 -7.26
CA VAL A 32 -14.13 -6.16 -6.55
C VAL A 32 -14.16 -4.88 -5.73
N GLN A 33 -14.88 -4.87 -4.61
CA GLN A 33 -14.85 -3.71 -3.77
C GLN A 33 -13.95 -3.97 -2.58
N GLN A 34 -12.79 -3.33 -2.57
CA GLN A 34 -11.95 -3.22 -1.39
C GLN A 34 -10.78 -2.30 -1.68
N PHE A 35 -10.30 -1.58 -0.70
CA PHE A 35 -9.04 -0.87 -0.85
C PHE A 35 -8.10 -1.29 0.27
N ASN A 36 -7.06 -2.01 -0.11
CA ASN A 36 -6.03 -2.44 0.83
C ASN A 36 -4.67 -2.05 0.31
N ALA A 37 -3.72 -1.85 1.21
CA ALA A 37 -2.37 -1.47 0.81
C ALA A 37 -1.38 -1.80 1.92
N GLN A 38 -0.10 -1.94 1.57
CA GLN A 38 0.99 -2.09 2.54
C GLN A 38 2.33 -1.85 1.87
N LYS A 39 3.33 -1.41 2.65
CA LYS A 39 4.64 -1.11 2.10
C LYS A 39 5.73 -1.23 3.14
N TYR A 40 6.94 -1.58 2.69
CA TYR A 40 8.11 -1.56 3.55
C TYR A 40 9.17 -0.65 2.92
N VAL A 41 9.43 0.50 3.56
CA VAL A 41 10.27 1.54 2.97
C VAL A 41 10.99 2.37 4.04
N LEU A 42 12.09 3.01 3.64
CA LEU A 42 12.88 3.84 4.52
C LEU A 42 12.86 5.28 4.01
N GLN A 43 13.46 6.19 4.78
CA GLN A 43 13.41 7.63 4.48
C GLN A 43 14.19 7.98 3.22
N ASP A 44 14.90 7.00 2.69
CA ASP A 44 15.77 7.22 1.53
C ASP A 44 14.92 7.58 0.32
N GLY A 45 13.62 7.32 0.41
CA GLY A 45 12.70 7.86 -0.55
C GLY A 45 12.21 6.84 -1.54
N ASP A 46 12.54 5.58 -1.29
CA ASP A 46 12.04 4.49 -2.12
C ASP A 46 10.56 4.26 -1.89
N ILE A 47 9.84 5.34 -1.73
CA ILE A 47 8.45 5.29 -1.33
C ILE A 47 7.61 4.61 -2.39
N MET A 48 7.31 3.37 -2.13
CA MET A 48 6.49 2.55 -2.99
C MET A 48 5.71 1.61 -2.11
N TRP A 49 4.65 1.05 -2.63
CA TRP A 49 3.78 0.24 -1.82
C TRP A 49 3.07 -0.80 -2.66
N GLN A 50 2.36 -1.71 -2.00
CA GLN A 50 1.55 -2.70 -2.68
C GLN A 50 0.09 -2.48 -2.34
N VAL A 51 -0.80 -2.85 -3.26
CA VAL A 51 -2.22 -2.60 -3.09
C VAL A 51 -3.02 -3.87 -3.33
N GLU A 52 -4.03 -4.10 -2.51
CA GLU A 52 -4.81 -5.34 -2.56
C GLU A 52 -6.31 -5.06 -2.69
N PHE A 53 -7.03 -6.04 -3.23
CA PHE A 53 -8.47 -5.95 -3.46
C PHE A 53 -9.12 -7.31 -3.22
N PHE A 54 -10.39 -7.33 -2.83
CA PHE A 54 -11.16 -8.58 -2.84
C PHE A 54 -12.55 -8.34 -3.41
N ALA A 55 -13.28 -9.42 -3.67
CA ALA A 55 -14.52 -9.36 -4.44
C ALA A 55 -15.78 -9.44 -3.60
N ASP A 56 -15.63 -9.35 -2.28
CA ASP A 56 -16.80 -9.21 -1.43
C ASP A 56 -16.55 -8.15 -0.39
N GLU A 57 -17.22 -7.01 -0.54
CA GLU A 57 -16.99 -5.85 0.30
C GLU A 57 -17.22 -6.17 1.77
N GLY A 58 -16.19 -5.96 2.57
CA GLY A 58 -16.31 -6.19 4.00
C GLY A 58 -15.71 -7.51 4.44
N GLU A 59 -15.06 -8.20 3.50
CA GLU A 59 -14.32 -9.41 3.82
C GLU A 59 -13.00 -9.03 4.51
N GLU A 60 -12.00 -9.88 4.39
CA GLU A 60 -10.73 -9.65 5.06
C GLU A 60 -9.62 -9.42 4.03
N GLY A 61 -8.98 -8.28 4.13
CA GLY A 61 -7.96 -7.94 3.17
C GLY A 61 -6.58 -8.14 3.73
N GLU A 62 -5.61 -8.28 2.84
CA GLU A 62 -4.22 -8.49 3.22
C GLU A 62 -3.74 -7.45 4.23
N CYS A 63 -4.23 -6.23 4.11
CA CYS A 63 -3.73 -5.14 4.94
C CYS A 63 -4.76 -4.02 5.12
N LEU A 64 -4.28 -2.77 5.18
CA LEU A 64 -5.08 -1.63 5.65
C LEU A 64 -6.33 -1.42 4.78
N PRO A 65 -7.51 -1.67 5.38
CA PRO A 65 -8.78 -1.43 4.71
C PRO A 65 -9.20 0.04 4.75
N MET A 66 -9.13 0.70 3.61
CA MET A 66 -9.50 2.11 3.52
C MET A 66 -10.89 2.28 2.95
N LEU A 67 -11.14 1.63 1.83
CA LEU A 67 -12.42 1.77 1.14
C LEU A 67 -13.05 0.41 0.93
N SER A 68 -14.37 0.41 0.80
CA SER A 68 -15.12 -0.79 0.55
C SER A 68 -16.46 -0.43 -0.07
N GLY A 69 -16.70 -0.93 -1.27
CA GLY A 69 -17.90 -0.58 -2.00
C GLY A 69 -17.60 -0.24 -3.44
N GLU A 70 -18.56 0.34 -4.12
CA GLU A 70 -18.43 0.67 -5.54
C GLU A 70 -17.27 1.62 -5.79
N ALA A 71 -16.92 2.40 -4.78
CA ALA A 71 -15.78 3.30 -4.87
C ALA A 71 -14.49 2.52 -5.06
N ALA A 72 -14.30 1.51 -4.23
CA ALA A 72 -13.13 0.66 -4.28
C ALA A 72 -13.12 -0.20 -5.56
N GLN A 73 -14.31 -0.58 -6.01
CA GLN A 73 -14.45 -1.27 -7.29
C GLN A 73 -14.07 -0.34 -8.43
N SER A 74 -14.42 0.93 -8.29
CA SER A 74 -14.01 1.94 -9.25
C SER A 74 -12.49 2.05 -9.24
N VAL A 75 -11.90 1.82 -8.07
CA VAL A 75 -10.46 1.79 -7.93
C VAL A 75 -9.85 0.65 -8.76
N PHE A 76 -10.55 -0.48 -8.82
CA PHE A 76 -10.09 -1.60 -9.64
C PHE A 76 -10.22 -1.26 -11.11
N ASP A 77 -11.28 -0.56 -11.45
CA ASP A 77 -11.50 -0.09 -12.82
C ASP A 77 -10.49 0.98 -13.21
N GLY A 78 -9.99 1.71 -12.22
CA GLY A 78 -9.05 2.79 -12.48
C GLY A 78 -9.68 4.14 -12.26
N ASP A 79 -10.99 4.15 -12.04
CA ASP A 79 -11.73 5.37 -11.80
C ASP A 79 -11.65 5.73 -10.32
N TYR A 80 -10.51 6.26 -9.91
CA TYR A 80 -10.32 6.66 -8.52
C TYR A 80 -9.53 7.95 -8.44
N ASP A 81 -9.69 8.65 -7.32
CA ASP A 81 -8.99 9.89 -7.10
C ASP A 81 -7.70 9.64 -6.33
N GLU A 82 -6.61 9.52 -7.06
CA GLU A 82 -5.31 9.23 -6.46
C GLU A 82 -4.91 10.33 -5.48
N ILE A 83 -5.18 11.58 -5.83
CA ILE A 83 -4.79 12.70 -4.99
C ILE A 83 -5.66 12.76 -3.72
N GLU A 84 -6.83 12.15 -3.79
CA GLU A 84 -7.75 12.18 -2.66
C GLU A 84 -7.31 11.18 -1.59
N ILE A 85 -7.16 9.92 -2.00
CA ILE A 85 -6.82 8.85 -1.07
C ILE A 85 -5.42 9.02 -0.48
N ARG A 86 -4.47 9.51 -1.29
CA ARG A 86 -3.10 9.70 -0.83
C ARG A 86 -3.01 10.78 0.23
N GLN A 87 -3.77 11.84 0.06
CA GLN A 87 -3.77 12.94 1.02
C GLN A 87 -4.37 12.53 2.34
N GLU A 88 -5.30 11.58 2.30
CA GLU A 88 -5.91 11.05 3.51
C GLU A 88 -5.42 9.64 3.77
N TRP A 89 -4.29 9.29 3.18
CA TRP A 89 -3.73 7.96 3.33
C TRP A 89 -3.13 7.81 4.72
N GLN A 90 -3.33 6.64 5.30
CA GLN A 90 -2.95 6.38 6.68
C GLN A 90 -1.49 5.96 6.75
N GLU A 91 -0.70 6.73 7.48
CA GLU A 91 0.72 6.46 7.64
C GLU A 91 0.93 5.28 8.57
N GLU A 92 -0.16 4.79 9.15
CA GLU A 92 -0.14 3.64 10.03
C GLU A 92 0.22 2.38 9.26
N ASN A 93 -0.19 2.33 7.98
CA ASN A 93 0.19 1.23 7.12
C ASN A 93 1.48 1.56 6.38
N THR A 94 1.74 2.84 6.23
CA THR A 94 3.02 3.29 5.70
C THR A 94 4.11 3.01 6.72
N LEU A 95 5.33 2.90 6.27
CA LEU A 95 6.42 2.65 7.18
C LEU A 95 7.11 3.94 7.60
N HIS A 96 8.18 3.74 8.33
CA HIS A 96 8.90 4.82 9.00
C HIS A 96 9.69 5.69 8.06
N GLU A 97 9.58 6.99 8.27
CA GLU A 97 10.49 7.94 7.67
C GLU A 97 11.41 8.50 8.74
N TRP A 98 12.65 8.08 8.66
CA TRP A 98 13.66 8.37 9.67
C TRP A 98 13.96 9.86 9.76
N ASP A 99 14.76 10.22 10.75
CA ASP A 99 15.28 11.58 10.84
C ASP A 99 16.79 11.52 10.68
N GLU A 100 17.37 12.58 10.16
CA GLU A 100 18.79 12.55 9.83
C GLU A 100 19.66 13.03 10.98
N GLY A 101 19.42 12.49 12.17
CA GLY A 101 20.34 12.68 13.26
C GLY A 101 19.74 13.27 14.53
N GLU A 102 18.46 13.64 14.51
CA GLU A 102 17.84 14.24 15.70
C GLU A 102 17.40 13.16 16.68
N PHE A 103 16.59 12.23 16.22
CA PHE A 103 16.05 11.20 17.08
C PHE A 103 16.12 9.85 16.38
N GLN A 104 16.18 8.79 17.16
CA GLN A 104 16.31 7.45 16.61
C GLN A 104 14.93 6.83 16.39
N LEU A 105 14.76 6.25 15.23
CA LEU A 105 13.49 5.63 14.86
C LEU A 105 13.67 4.11 14.77
N GLU A 106 12.58 3.39 14.55
CA GLU A 106 12.63 1.93 14.54
C GLU A 106 13.59 1.42 13.49
N PRO A 107 14.47 0.47 13.89
CA PRO A 107 15.52 -0.10 13.02
C PRO A 107 15.00 -0.56 11.64
N PRO A 108 15.94 -0.80 10.68
CA PRO A 108 15.69 -1.15 9.27
C PRO A 108 14.30 -1.67 8.92
N LEU A 109 13.82 -1.20 7.76
CA LEU A 109 12.44 -1.37 7.31
C LEU A 109 11.89 -2.80 7.43
N ASP A 110 12.75 -3.81 7.40
CA ASP A 110 12.29 -5.20 7.54
C ASP A 110 13.24 -6.02 8.40
N THR A 111 14.20 -6.72 7.79
CA THR A 111 15.11 -7.56 8.54
C THR A 111 16.36 -7.92 7.74
N GLU A 112 16.18 -8.28 6.48
CA GLU A 112 17.30 -8.74 5.64
C GLU A 112 18.29 -7.61 5.39
N GLU A 113 17.79 -6.40 5.45
CA GLU A 113 18.62 -5.20 5.30
C GLU A 113 19.62 -5.10 6.45
N GLY A 114 19.30 -5.74 7.55
CA GLY A 114 20.15 -5.68 8.73
C GLY A 114 19.48 -4.92 9.86
N ARG A 115 18.38 -5.45 10.36
CA ARG A 115 17.67 -4.88 11.50
C ARG A 115 18.65 -4.53 12.62
N ALA A 116 18.70 -3.24 12.95
CA ALA A 116 19.57 -2.71 14.01
C ALA A 116 21.04 -2.68 13.61
N ALA A 117 21.31 -2.78 12.30
CA ALA A 117 22.68 -2.71 11.79
C ALA A 117 22.70 -2.45 10.28
N ALA A 118 22.11 -1.33 9.88
CA ALA A 118 22.05 -0.97 8.47
C ALA A 118 21.94 0.53 8.28
N ASP A 119 22.42 1.01 7.13
CA ASP A 119 22.38 2.45 6.82
C ASP A 119 21.01 2.87 6.32
N GLU A 120 20.08 2.99 7.25
CA GLU A 120 18.73 3.43 6.93
C GLU A 120 18.60 4.93 7.20
N TRP A 121 19.58 5.47 7.91
CA TRP A 121 19.61 6.88 8.28
C TRP A 121 20.24 7.71 7.17
N ASP A 122 20.38 9.00 7.44
CA ASP A 122 21.10 9.91 6.57
C ASP A 122 22.00 10.78 7.45
N GLU A 123 22.34 10.19 8.59
CA GLU A 123 23.18 10.84 9.59
C GLU A 123 24.60 10.94 9.09
N ARG A 124 25.16 12.14 9.07
CA ARG A 124 26.49 12.36 8.56
C ARG A 124 27.40 12.94 9.64
N MET A 1 7.12 -6.20 1.89
CA MET A 1 8.13 -5.32 1.34
C MET A 1 8.13 -5.45 -0.17
N THR A 2 6.97 -5.80 -0.71
CA THR A 2 6.78 -5.87 -2.14
C THR A 2 6.81 -4.45 -2.73
N MET A 3 8.00 -3.99 -3.09
CA MET A 3 8.19 -2.63 -3.51
C MET A 3 7.59 -2.37 -4.89
N TYR A 4 6.77 -1.33 -4.95
CA TYR A 4 6.34 -0.78 -6.23
C TYR A 4 7.16 0.47 -6.53
N ALA A 5 6.62 1.40 -7.29
CA ALA A 5 7.36 2.61 -7.64
C ALA A 5 7.08 3.77 -6.68
N THR A 6 5.85 3.86 -6.20
CA THR A 6 5.39 4.99 -5.37
C THR A 6 3.94 4.80 -4.96
N LEU A 7 3.42 5.73 -4.15
CA LEU A 7 2.02 5.70 -3.73
C LEU A 7 1.08 5.66 -4.94
N GLU A 8 1.21 6.62 -5.83
CA GLU A 8 0.31 6.71 -6.98
C GLU A 8 0.44 5.52 -7.94
N GLU A 9 1.62 4.92 -7.97
CA GLU A 9 1.91 3.87 -8.94
C GLU A 9 1.27 2.53 -8.58
N ALA A 10 1.47 2.09 -7.34
CA ALA A 10 1.07 0.75 -6.92
C ALA A 10 -0.42 0.51 -7.09
N ILE A 11 -1.22 1.53 -6.84
CA ILE A 11 -2.67 1.41 -6.96
C ILE A 11 -3.07 1.03 -8.38
N ASP A 12 -2.48 1.71 -9.35
CA ASP A 12 -2.76 1.45 -10.75
C ASP A 12 -2.11 0.15 -11.19
N ALA A 13 -0.91 -0.11 -10.69
CA ALA A 13 -0.18 -1.31 -11.03
C ALA A 13 -0.88 -2.56 -10.51
N ALA A 14 -1.51 -2.45 -9.35
CA ALA A 14 -2.14 -3.59 -8.70
C ALA A 14 -3.41 -3.98 -9.44
N ARG A 15 -4.21 -2.99 -9.78
CA ARG A 15 -5.45 -3.25 -10.53
C ARG A 15 -5.10 -3.86 -11.89
N GLU A 16 -4.03 -3.35 -12.50
CA GLU A 16 -3.58 -3.79 -13.82
C GLU A 16 -3.09 -5.23 -13.75
N GLU A 17 -2.18 -5.49 -12.83
CA GLU A 17 -1.60 -6.83 -12.67
C GLU A 17 -2.68 -7.83 -12.30
N PHE A 18 -3.56 -7.44 -11.39
CA PHE A 18 -4.65 -8.30 -10.94
C PHE A 18 -5.55 -8.65 -12.12
N LEU A 19 -5.96 -7.64 -12.88
CA LEU A 19 -6.84 -7.86 -14.04
C LEU A 19 -6.16 -8.73 -15.09
N ALA A 20 -4.85 -8.63 -15.17
CA ALA A 20 -4.07 -9.41 -16.15
C ALA A 20 -4.12 -10.90 -15.82
N ASP A 21 -4.39 -11.23 -14.57
CA ASP A 21 -4.48 -12.63 -14.15
C ASP A 21 -5.87 -13.18 -14.42
N ASN A 22 -6.86 -12.31 -14.38
CA ASN A 22 -8.25 -12.70 -14.56
C ASN A 22 -9.06 -11.57 -15.20
N PRO A 23 -9.00 -11.45 -16.54
CA PRO A 23 -9.71 -10.39 -17.27
C PRO A 23 -11.22 -10.47 -17.08
N GLY A 24 -11.82 -9.33 -16.75
CA GLY A 24 -13.26 -9.25 -16.66
C GLY A 24 -13.74 -9.30 -15.23
N ILE A 25 -12.85 -9.65 -14.31
CA ILE A 25 -13.20 -9.76 -12.91
C ILE A 25 -13.61 -8.42 -12.30
N ASP A 26 -13.31 -7.33 -12.99
CA ASP A 26 -13.89 -6.03 -12.65
C ASP A 26 -15.43 -6.12 -12.63
N ALA A 27 -16.13 -5.01 -12.44
CA ALA A 27 -17.60 -5.03 -12.31
C ALA A 27 -18.30 -5.77 -13.46
N GLU A 28 -17.55 -6.06 -14.53
CA GLU A 28 -18.08 -6.77 -15.68
C GLU A 28 -18.54 -8.18 -15.28
N ASP A 29 -17.75 -8.85 -14.46
CA ASP A 29 -18.08 -10.22 -14.06
C ASP A 29 -18.21 -10.36 -12.56
N ALA A 30 -17.27 -9.80 -11.82
CA ALA A 30 -17.28 -9.89 -10.36
C ALA A 30 -17.42 -8.52 -9.73
N ASN A 31 -17.95 -8.49 -8.53
CA ASN A 31 -17.91 -7.29 -7.71
C ASN A 31 -16.60 -7.31 -6.94
N VAL A 32 -15.79 -6.27 -7.10
CA VAL A 32 -14.51 -6.20 -6.39
C VAL A 32 -14.42 -4.93 -5.58
N GLN A 33 -15.08 -4.88 -4.45
CA GLN A 33 -14.97 -3.70 -3.64
C GLN A 33 -14.10 -3.97 -2.43
N GLN A 34 -12.92 -3.40 -2.45
CA GLN A 34 -12.05 -3.32 -1.30
C GLN A 34 -10.88 -2.41 -1.65
N PHE A 35 -10.37 -1.67 -0.69
CA PHE A 35 -9.11 -0.99 -0.88
C PHE A 35 -8.15 -1.42 0.21
N ASN A 36 -7.15 -2.18 -0.17
CA ASN A 36 -6.13 -2.67 0.74
C ASN A 36 -4.77 -2.15 0.32
N ALA A 37 -4.06 -1.50 1.23
CA ALA A 37 -2.74 -1.01 0.91
C ALA A 37 -1.79 -1.12 2.10
N GLN A 38 -0.53 -1.44 1.84
CA GLN A 38 0.44 -1.65 2.91
C GLN A 38 1.85 -1.26 2.48
N LYS A 39 2.61 -0.65 3.38
CA LYS A 39 4.04 -0.46 3.19
C LYS A 39 4.73 -0.35 4.55
N TYR A 40 5.92 -0.91 4.65
CA TYR A 40 6.75 -0.70 5.83
C TYR A 40 8.13 -0.31 5.37
N VAL A 41 8.47 0.96 5.57
CA VAL A 41 9.70 1.50 5.07
C VAL A 41 10.20 2.67 5.89
N LEU A 42 11.49 2.90 5.81
CA LEU A 42 12.11 4.10 6.32
C LEU A 42 11.55 5.33 5.60
N GLN A 43 11.83 6.50 6.13
CA GLN A 43 11.40 7.78 5.54
C GLN A 43 11.67 7.85 4.05
N ASP A 44 12.80 7.29 3.65
CA ASP A 44 13.32 7.47 2.30
C ASP A 44 12.49 6.73 1.25
N GLY A 45 11.70 5.75 1.66
CA GLY A 45 10.78 5.13 0.72
C GLY A 45 11.39 4.07 -0.16
N ASP A 46 12.63 3.68 0.14
CA ASP A 46 13.35 2.61 -0.60
C ASP A 46 12.42 1.53 -1.13
N ILE A 47 11.63 0.97 -0.24
CA ILE A 47 10.61 0.02 -0.61
C ILE A 47 9.28 0.75 -0.71
N MET A 48 8.50 0.41 -1.73
CA MET A 48 7.23 1.07 -1.95
C MET A 48 6.08 0.16 -1.57
N TRP A 49 4.88 0.69 -1.70
CA TRP A 49 3.72 0.07 -1.09
C TRP A 49 3.00 -0.82 -2.09
N GLN A 50 2.27 -1.81 -1.58
CA GLN A 50 1.56 -2.74 -2.42
C GLN A 50 0.07 -2.64 -2.15
N VAL A 51 -0.74 -2.91 -3.17
CA VAL A 51 -2.18 -2.73 -3.08
C VAL A 51 -2.91 -4.05 -3.35
N GLU A 52 -4.01 -4.26 -2.66
CA GLU A 52 -4.74 -5.50 -2.71
C GLU A 52 -6.25 -5.24 -2.84
N PHE A 53 -6.94 -6.18 -3.47
CA PHE A 53 -8.39 -6.11 -3.65
C PHE A 53 -9.00 -7.49 -3.39
N PHE A 54 -10.20 -7.53 -2.81
CA PHE A 54 -10.93 -8.77 -2.75
C PHE A 54 -12.35 -8.49 -3.20
N ALA A 55 -13.10 -9.51 -3.54
CA ALA A 55 -14.39 -9.30 -4.19
C ALA A 55 -15.40 -8.61 -3.27
N ASP A 56 -15.50 -9.09 -2.06
CA ASP A 56 -16.66 -8.79 -1.23
C ASP A 56 -16.26 -7.92 -0.05
N GLU A 57 -16.73 -6.69 -0.05
CA GLU A 57 -16.36 -5.73 0.98
C GLU A 57 -16.65 -6.28 2.37
N GLY A 58 -15.61 -6.39 3.19
CA GLY A 58 -15.77 -6.94 4.52
C GLY A 58 -15.04 -8.26 4.70
N GLU A 59 -14.50 -8.80 3.62
CA GLU A 59 -13.62 -9.97 3.71
C GLU A 59 -12.26 -9.54 4.28
N GLU A 60 -11.21 -10.28 3.97
CA GLU A 60 -9.92 -9.97 4.57
C GLU A 60 -8.82 -9.76 3.54
N GLY A 61 -8.09 -8.68 3.71
CA GLY A 61 -6.90 -8.43 2.95
C GLY A 61 -5.70 -8.30 3.87
N GLU A 62 -4.51 -8.60 3.37
CA GLU A 62 -3.31 -8.60 4.20
C GLU A 62 -2.85 -7.18 4.53
N CYS A 63 -3.48 -6.20 3.90
CA CYS A 63 -3.03 -4.83 4.00
C CYS A 63 -3.92 -4.02 4.94
N LEU A 64 -3.73 -2.71 4.92
CA LEU A 64 -4.55 -1.78 5.67
C LEU A 64 -5.83 -1.47 4.91
N PRO A 65 -6.98 -1.94 5.42
CA PRO A 65 -8.29 -1.66 4.85
C PRO A 65 -8.60 -0.17 4.86
N MET A 66 -8.68 0.42 3.67
CA MET A 66 -8.88 1.86 3.55
C MET A 66 -10.32 2.17 3.16
N LEU A 67 -10.74 1.63 2.02
CA LEU A 67 -12.07 1.91 1.48
C LEU A 67 -12.83 0.62 1.25
N SER A 68 -14.13 0.74 1.10
CA SER A 68 -14.99 -0.41 0.86
C SER A 68 -16.26 0.01 0.13
N GLY A 69 -16.46 -0.57 -1.04
CA GLY A 69 -17.66 -0.28 -1.82
C GLY A 69 -17.32 -0.02 -3.28
N GLU A 70 -18.30 0.51 -4.02
CA GLU A 70 -18.14 0.73 -5.45
C GLU A 70 -16.98 1.68 -5.77
N ALA A 71 -16.61 2.51 -4.81
CA ALA A 71 -15.47 3.41 -4.99
C ALA A 71 -14.19 2.59 -5.10
N ALA A 72 -14.04 1.64 -4.19
CA ALA A 72 -12.90 0.73 -4.19
C ALA A 72 -12.89 -0.15 -5.44
N GLN A 73 -14.08 -0.55 -5.89
CA GLN A 73 -14.20 -1.31 -7.12
C GLN A 73 -13.85 -0.42 -8.31
N SER A 74 -14.22 0.85 -8.20
CA SER A 74 -13.88 1.83 -9.23
C SER A 74 -12.36 1.99 -9.30
N VAL A 75 -11.71 1.76 -8.16
CA VAL A 75 -10.25 1.75 -8.09
C VAL A 75 -9.70 0.58 -8.91
N PHE A 76 -10.35 -0.58 -8.79
CA PHE A 76 -10.01 -1.76 -9.60
C PHE A 76 -10.22 -1.45 -11.09
N ASP A 77 -11.30 -0.73 -11.37
CA ASP A 77 -11.61 -0.28 -12.72
C ASP A 77 -10.58 0.74 -13.21
N GLY A 78 -10.02 1.49 -12.28
CA GLY A 78 -9.01 2.48 -12.63
C GLY A 78 -9.52 3.89 -12.49
N ASP A 79 -10.82 4.02 -12.29
CA ASP A 79 -11.46 5.32 -12.15
C ASP A 79 -11.44 5.76 -10.70
N TYR A 80 -10.29 6.24 -10.25
CA TYR A 80 -10.15 6.72 -8.89
C TYR A 80 -9.26 7.95 -8.86
N ASP A 81 -9.48 8.82 -7.89
CA ASP A 81 -8.65 9.99 -7.71
C ASP A 81 -7.51 9.67 -6.77
N GLU A 82 -6.35 9.36 -7.33
CA GLU A 82 -5.17 9.01 -6.54
C GLU A 82 -4.79 10.17 -5.63
N ILE A 83 -5.10 11.39 -6.08
CA ILE A 83 -4.86 12.58 -5.28
C ILE A 83 -5.67 12.56 -3.99
N GLU A 84 -6.88 12.01 -4.06
CA GLU A 84 -7.77 12.03 -2.91
C GLU A 84 -7.31 11.01 -1.88
N ILE A 85 -7.21 9.76 -2.32
CA ILE A 85 -6.89 8.65 -1.42
C ILE A 85 -5.50 8.78 -0.81
N ARG A 86 -4.57 9.36 -1.55
CA ARG A 86 -3.21 9.53 -1.06
C ARG A 86 -3.10 10.65 -0.05
N GLN A 87 -3.83 11.73 -0.29
CA GLN A 87 -3.75 12.90 0.56
C GLN A 87 -4.45 12.64 1.89
N GLU A 88 -5.38 11.69 1.91
CA GLU A 88 -6.02 11.27 3.16
C GLU A 88 -5.64 9.83 3.48
N TRP A 89 -4.57 9.35 2.89
CA TRP A 89 -4.12 7.99 3.12
C TRP A 89 -3.70 7.81 4.58
N GLN A 90 -3.99 6.64 5.10
CA GLN A 90 -3.82 6.32 6.50
C GLN A 90 -2.36 5.97 6.81
N GLU A 91 -1.76 6.73 7.72
CA GLU A 91 -0.33 6.62 8.02
C GLU A 91 0.03 5.31 8.72
N GLU A 92 -1.00 4.58 9.14
CA GLU A 92 -0.81 3.34 9.92
C GLU A 92 0.08 2.34 9.18
N ASN A 93 -0.22 2.11 7.91
CA ASN A 93 0.55 1.17 7.11
C ASN A 93 1.42 1.92 6.12
N THR A 94 1.79 3.10 6.54
CA THR A 94 2.68 3.97 5.78
C THR A 94 4.07 4.04 6.42
N LEU A 95 5.02 4.55 5.65
CA LEU A 95 6.40 4.61 6.07
C LEU A 95 6.64 5.80 6.98
N HIS A 96 7.53 5.62 7.93
CA HIS A 96 7.76 6.60 8.97
C HIS A 96 8.87 7.59 8.60
N GLU A 97 8.54 8.86 8.55
CA GLU A 97 9.53 9.91 8.35
C GLU A 97 10.19 10.25 9.68
N TRP A 98 11.40 9.75 9.87
CA TRP A 98 12.13 9.95 11.12
C TRP A 98 13.20 11.02 10.96
N ASP A 99 13.98 11.22 11.99
CA ASP A 99 15.11 12.14 11.97
C ASP A 99 15.94 11.90 13.22
N GLU A 100 17.07 12.57 13.32
CA GLU A 100 17.94 12.44 14.49
C GLU A 100 17.36 13.23 15.67
N GLY A 101 16.07 12.99 15.96
CA GLY A 101 15.40 13.67 17.04
C GLY A 101 14.26 14.55 16.55
N GLU A 102 14.35 14.99 15.30
CA GLU A 102 13.37 15.91 14.73
C GLU A 102 12.54 15.21 13.63
N PHE A 103 12.24 15.95 12.58
CA PHE A 103 11.55 15.40 11.41
C PHE A 103 12.17 15.96 10.12
N GLN A 104 12.73 15.06 9.32
CA GLN A 104 13.38 15.40 8.05
C GLN A 104 13.67 14.10 7.30
N LEU A 105 14.36 14.19 6.18
CA LEU A 105 14.77 12.99 5.47
C LEU A 105 16.25 12.67 5.72
N GLU A 106 16.48 11.60 6.46
CA GLU A 106 17.82 11.17 6.86
C GLU A 106 18.37 10.11 5.90
N PRO A 107 19.65 9.73 6.08
CA PRO A 107 20.22 8.52 5.48
C PRO A 107 19.41 7.26 5.82
N PRO A 108 19.74 6.09 5.23
CA PRO A 108 18.96 4.86 5.41
C PRO A 108 18.76 4.44 6.87
N LEU A 109 17.94 3.43 7.08
CA LEU A 109 17.58 2.99 8.41
C LEU A 109 18.70 2.16 9.03
N ASP A 110 19.24 1.18 8.31
CA ASP A 110 20.35 0.39 8.84
C ASP A 110 21.16 -0.29 7.74
N THR A 111 20.60 -1.30 7.09
CA THR A 111 21.37 -2.11 6.16
C THR A 111 20.61 -2.45 4.89
N GLU A 112 19.44 -3.09 5.00
CA GLU A 112 18.74 -3.57 3.82
C GLU A 112 18.13 -2.42 3.03
N GLU A 113 18.08 -1.25 3.66
CA GLU A 113 17.57 -0.06 3.01
C GLU A 113 18.71 0.86 2.57
N GLY A 114 19.91 0.31 2.42
CA GLY A 114 21.02 1.11 1.95
C GLY A 114 22.36 0.61 2.44
N ARG A 115 22.53 0.58 3.76
CA ARG A 115 23.79 0.17 4.40
C ARG A 115 24.90 1.16 4.09
N ALA A 116 25.12 2.09 5.00
CA ALA A 116 26.14 3.12 4.87
C ALA A 116 26.16 3.99 6.13
N ALA A 117 25.69 5.22 6.01
CA ALA A 117 25.55 6.10 7.17
C ALA A 117 24.17 5.90 7.79
N ALA A 118 23.83 4.65 8.02
CA ALA A 118 22.50 4.28 8.50
C ALA A 118 22.60 3.63 9.87
N ASP A 119 21.69 3.97 10.77
CA ASP A 119 21.73 3.43 12.13
C ASP A 119 20.54 3.92 12.97
N GLU A 120 19.36 3.96 12.35
CA GLU A 120 18.12 4.36 13.02
C GLU A 120 18.27 5.72 13.73
N TRP A 121 17.47 5.93 14.76
CA TRP A 121 17.49 7.16 15.54
C TRP A 121 18.75 7.23 16.40
N ASP A 122 18.91 8.36 17.06
CA ASP A 122 19.92 8.52 18.10
C ASP A 122 19.35 9.36 19.22
N GLU A 123 19.13 8.71 20.33
CA GLU A 123 18.44 9.29 21.47
C GLU A 123 19.21 10.48 22.04
N ARG A 124 18.53 11.61 22.12
CA ARG A 124 19.09 12.80 22.75
C ARG A 124 18.99 12.66 24.26
N MET A 1 6.97 -7.93 1.82
CA MET A 1 8.24 -8.13 1.11
C MET A 1 8.09 -7.89 -0.39
N THR A 2 7.05 -7.14 -0.76
CA THR A 2 6.80 -6.84 -2.15
C THR A 2 7.17 -5.39 -2.42
N MET A 3 7.45 -5.05 -3.65
CA MET A 3 7.75 -3.66 -3.99
C MET A 3 7.16 -3.29 -5.34
N TYR A 4 6.41 -2.20 -5.35
CA TYR A 4 5.90 -1.62 -6.59
C TYR A 4 6.78 -0.44 -7.00
N ALA A 5 6.21 0.56 -7.66
CA ALA A 5 7.00 1.70 -8.12
C ALA A 5 6.92 2.89 -7.17
N THR A 6 5.74 3.13 -6.58
CA THR A 6 5.50 4.30 -5.71
C THR A 6 4.06 4.33 -5.22
N LEU A 7 3.72 5.35 -4.43
CA LEU A 7 2.39 5.49 -3.84
C LEU A 7 1.31 5.54 -4.93
N GLU A 8 1.49 6.44 -5.88
CA GLU A 8 0.51 6.63 -6.94
C GLU A 8 0.49 5.45 -7.91
N GLU A 9 1.60 4.77 -8.02
CA GLU A 9 1.78 3.71 -8.99
C GLU A 9 1.10 2.41 -8.60
N ALA A 10 1.36 1.94 -7.38
CA ALA A 10 0.93 0.60 -6.96
C ALA A 10 -0.58 0.42 -7.06
N ILE A 11 -1.32 1.49 -6.84
CA ILE A 11 -2.78 1.43 -6.92
C ILE A 11 -3.22 1.00 -8.32
N ASP A 12 -2.63 1.65 -9.33
CA ASP A 12 -2.94 1.35 -10.71
C ASP A 12 -2.33 0.02 -11.12
N ALA A 13 -1.14 -0.25 -10.63
CA ALA A 13 -0.45 -1.50 -10.92
C ALA A 13 -1.19 -2.68 -10.34
N ALA A 14 -1.81 -2.49 -9.18
CA ALA A 14 -2.50 -3.58 -8.50
C ALA A 14 -3.79 -3.95 -9.22
N ARG A 15 -4.54 -2.94 -9.62
CA ARG A 15 -5.77 -3.17 -10.38
C ARG A 15 -5.42 -3.80 -11.73
N GLU A 16 -4.31 -3.35 -12.31
CA GLU A 16 -3.84 -3.86 -13.58
C GLU A 16 -3.31 -5.29 -13.46
N GLU A 17 -2.37 -5.48 -12.55
CA GLU A 17 -1.68 -6.76 -12.40
C GLU A 17 -2.65 -7.88 -12.04
N PHE A 18 -3.58 -7.61 -11.13
CA PHE A 18 -4.57 -8.60 -10.74
C PHE A 18 -5.44 -8.95 -11.94
N LEU A 19 -5.78 -7.94 -12.72
CA LEU A 19 -6.59 -8.13 -13.93
C LEU A 19 -5.78 -8.86 -14.99
N ALA A 20 -4.49 -8.63 -14.99
CA ALA A 20 -3.59 -9.30 -15.92
C ALA A 20 -3.60 -10.80 -15.67
N ASP A 21 -4.00 -11.19 -14.46
CA ASP A 21 -4.09 -12.60 -14.10
C ASP A 21 -5.47 -13.15 -14.45
N ASN A 22 -6.50 -12.34 -14.22
CA ASN A 22 -7.86 -12.70 -14.54
C ASN A 22 -8.62 -11.52 -15.14
N PRO A 23 -8.39 -11.26 -16.44
CA PRO A 23 -9.01 -10.13 -17.15
C PRO A 23 -10.52 -10.23 -17.18
N GLY A 24 -11.20 -9.15 -16.84
CA GLY A 24 -12.65 -9.13 -16.86
C GLY A 24 -13.26 -9.29 -15.49
N ILE A 25 -12.42 -9.62 -14.52
CA ILE A 25 -12.87 -9.82 -13.14
C ILE A 25 -13.15 -8.48 -12.46
N ASP A 26 -12.74 -7.40 -13.10
CA ASP A 26 -13.10 -6.05 -12.71
C ASP A 26 -14.65 -5.88 -12.69
N ALA A 27 -15.14 -4.65 -12.59
CA ALA A 27 -16.58 -4.38 -12.53
C ALA A 27 -17.37 -5.05 -13.67
N GLU A 28 -16.67 -5.61 -14.64
CA GLU A 28 -17.31 -6.32 -15.73
C GLU A 28 -18.00 -7.60 -15.23
N ASP A 29 -17.29 -8.39 -14.45
CA ASP A 29 -17.81 -9.70 -14.04
C ASP A 29 -17.90 -9.86 -12.53
N ALA A 30 -16.87 -9.43 -11.80
CA ALA A 30 -16.85 -9.59 -10.37
C ALA A 30 -16.93 -8.25 -9.66
N ASN A 31 -17.42 -8.25 -8.42
CA ASN A 31 -17.52 -7.04 -7.65
C ASN A 31 -16.28 -6.85 -6.77
N VAL A 32 -15.22 -6.37 -7.38
CA VAL A 32 -13.96 -6.17 -6.68
C VAL A 32 -14.01 -4.91 -5.84
N GLN A 33 -14.72 -4.95 -4.71
CA GLN A 33 -14.72 -3.80 -3.83
C GLN A 33 -13.77 -4.05 -2.68
N GLN A 34 -12.66 -3.33 -2.68
CA GLN A 34 -11.79 -3.24 -1.52
C GLN A 34 -10.68 -2.24 -1.80
N PHE A 35 -10.31 -1.44 -0.81
CA PHE A 35 -9.04 -0.75 -0.90
C PHE A 35 -8.12 -1.22 0.22
N ASN A 36 -7.07 -1.94 -0.18
CA ASN A 36 -6.09 -2.45 0.76
C ASN A 36 -4.70 -1.97 0.37
N ALA A 37 -3.92 -1.52 1.33
CA ALA A 37 -2.56 -1.09 1.06
C ALA A 37 -1.67 -1.18 2.30
N GLN A 38 -0.40 -1.55 2.10
CA GLN A 38 0.57 -1.58 3.19
C GLN A 38 1.99 -1.36 2.67
N LYS A 39 2.81 -0.68 3.48
CA LYS A 39 4.20 -0.44 3.12
C LYS A 39 5.08 -0.29 4.35
N TYR A 40 5.92 -1.26 4.61
CA TYR A 40 6.93 -1.14 5.63
C TYR A 40 8.28 -1.06 4.95
N VAL A 41 8.88 0.12 4.97
CA VAL A 41 10.08 0.39 4.23
C VAL A 41 10.91 1.47 4.93
N LEU A 42 12.21 1.48 4.67
CA LEU A 42 13.06 2.56 5.11
C LEU A 42 13.02 3.68 4.06
N GLN A 43 13.25 4.91 4.50
CA GLN A 43 13.01 6.09 3.67
C GLN A 43 13.94 6.16 2.46
N ASP A 44 14.91 5.26 2.42
CA ASP A 44 15.86 5.20 1.32
C ASP A 44 15.15 4.79 0.02
N GLY A 45 13.97 4.19 0.16
CA GLY A 45 13.15 3.89 -1.00
C GLY A 45 13.32 2.47 -1.51
N ASP A 46 14.05 1.67 -0.74
CA ASP A 46 14.33 0.27 -1.08
C ASP A 46 13.09 -0.48 -1.56
N ILE A 47 11.96 -0.23 -0.92
CA ILE A 47 10.72 -0.95 -1.19
C ILE A 47 9.55 0.04 -1.32
N MET A 48 8.53 -0.34 -2.07
CA MET A 48 7.34 0.48 -2.30
C MET A 48 6.12 -0.17 -1.67
N TRP A 49 4.97 0.47 -1.81
CA TRP A 49 3.79 0.03 -1.07
C TRP A 49 2.93 -0.93 -1.89
N GLN A 50 2.26 -1.82 -1.19
CA GLN A 50 1.46 -2.86 -1.81
C GLN A 50 -0.02 -2.48 -1.77
N VAL A 51 -0.73 -2.76 -2.84
CA VAL A 51 -2.15 -2.49 -2.90
C VAL A 51 -2.90 -3.76 -3.26
N GLU A 52 -3.95 -4.05 -2.51
CA GLU A 52 -4.69 -5.30 -2.65
C GLU A 52 -6.18 -5.04 -2.80
N PHE A 53 -6.86 -5.99 -3.44
CA PHE A 53 -8.30 -5.92 -3.65
C PHE A 53 -8.90 -7.31 -3.46
N PHE A 54 -10.16 -7.39 -3.04
CA PHE A 54 -10.89 -8.64 -3.07
C PHE A 54 -12.31 -8.41 -3.57
N ALA A 55 -12.95 -9.49 -4.04
CA ALA A 55 -14.21 -9.40 -4.78
C ALA A 55 -15.44 -9.56 -3.90
N ASP A 56 -15.25 -9.58 -2.60
CA ASP A 56 -16.37 -9.56 -1.69
C ASP A 56 -16.09 -8.57 -0.59
N GLU A 57 -16.78 -7.44 -0.61
CA GLU A 57 -16.46 -6.33 0.28
C GLU A 57 -16.61 -6.74 1.74
N GLY A 58 -15.59 -6.45 2.53
CA GLY A 58 -15.68 -6.69 3.96
C GLY A 58 -15.24 -8.09 4.36
N GLU A 59 -14.60 -8.82 3.45
CA GLU A 59 -14.09 -10.15 3.80
C GLU A 59 -12.88 -10.04 4.72
N GLU A 60 -11.69 -10.07 4.15
CA GLU A 60 -10.47 -9.86 4.92
C GLU A 60 -9.28 -9.59 4.00
N GLY A 61 -8.65 -8.44 4.21
CA GLY A 61 -7.42 -8.16 3.52
C GLY A 61 -6.30 -7.95 4.52
N GLU A 62 -5.09 -8.28 4.12
CA GLU A 62 -3.94 -8.24 5.03
C GLU A 62 -3.46 -6.81 5.23
N CYS A 63 -3.94 -5.91 4.39
CA CYS A 63 -3.44 -4.56 4.38
C CYS A 63 -4.38 -3.61 5.11
N LEU A 64 -4.18 -2.32 4.91
CA LEU A 64 -5.00 -1.30 5.53
C LEU A 64 -6.32 -1.14 4.79
N PRO A 65 -7.44 -1.58 5.40
CA PRO A 65 -8.77 -1.45 4.81
C PRO A 65 -9.29 -0.02 4.86
N MET A 66 -9.11 0.72 3.78
CA MET A 66 -9.56 2.11 3.74
C MET A 66 -10.92 2.23 3.05
N LEU A 67 -11.15 1.38 2.07
CA LEU A 67 -12.43 1.39 1.37
C LEU A 67 -12.99 -0.01 1.25
N SER A 68 -14.30 -0.05 1.12
CA SER A 68 -15.03 -1.27 0.86
C SER A 68 -16.37 -0.90 0.23
N GLY A 69 -16.59 -1.35 -0.98
CA GLY A 69 -17.81 -1.00 -1.67
C GLY A 69 -17.56 -0.52 -3.09
N GLU A 70 -18.58 0.08 -3.69
CA GLU A 70 -18.55 0.47 -5.10
C GLU A 70 -17.40 1.41 -5.43
N ALA A 71 -17.02 2.26 -4.48
CA ALA A 71 -15.93 3.22 -4.70
C ALA A 71 -14.61 2.48 -4.85
N ALA A 72 -14.39 1.52 -3.96
CA ALA A 72 -13.21 0.66 -4.01
C ALA A 72 -13.18 -0.16 -5.30
N GLN A 73 -14.35 -0.54 -5.78
CA GLN A 73 -14.47 -1.23 -7.07
C GLN A 73 -14.12 -0.29 -8.21
N SER A 74 -14.55 0.95 -8.09
CA SER A 74 -14.20 1.98 -9.05
C SER A 74 -12.69 2.14 -9.09
N VAL A 75 -12.05 1.87 -7.96
CA VAL A 75 -10.60 1.88 -7.86
C VAL A 75 -10.00 0.76 -8.72
N PHE A 76 -10.66 -0.40 -8.76
CA PHE A 76 -10.20 -1.50 -9.59
C PHE A 76 -10.50 -1.19 -11.06
N ASP A 77 -11.62 -0.51 -11.27
CA ASP A 77 -12.06 -0.11 -12.60
C ASP A 77 -11.12 0.92 -13.20
N GLY A 78 -10.46 1.67 -12.33
CA GLY A 78 -9.50 2.67 -12.76
C GLY A 78 -10.02 4.06 -12.56
N ASP A 79 -11.24 4.15 -12.07
CA ASP A 79 -11.87 5.44 -11.78
C ASP A 79 -11.76 5.75 -10.30
N TYR A 80 -10.61 6.26 -9.90
CA TYR A 80 -10.39 6.66 -8.53
C TYR A 80 -9.57 7.93 -8.48
N ASP A 81 -9.74 8.68 -7.42
CA ASP A 81 -8.99 9.91 -7.24
C ASP A 81 -7.68 9.61 -6.55
N GLU A 82 -6.63 9.41 -7.35
CA GLU A 82 -5.32 9.08 -6.82
C GLU A 82 -4.81 10.19 -5.90
N ILE A 83 -5.15 11.44 -6.24
CA ILE A 83 -4.74 12.58 -5.44
C ILE A 83 -5.54 12.67 -4.14
N GLU A 84 -6.75 12.12 -4.16
CA GLU A 84 -7.64 12.23 -3.02
C GLU A 84 -7.29 11.20 -1.96
N ILE A 85 -7.25 9.92 -2.35
CA ILE A 85 -6.92 8.84 -1.43
C ILE A 85 -5.56 9.04 -0.77
N ARG A 86 -4.59 9.52 -1.53
CA ARG A 86 -3.25 9.75 -1.01
C ARG A 86 -3.22 10.89 -0.02
N GLN A 87 -4.04 11.90 -0.26
CA GLN A 87 -4.09 13.05 0.63
C GLN A 87 -4.95 12.79 1.86
N GLU A 88 -5.58 11.63 1.87
CA GLU A 88 -6.30 11.15 3.05
C GLU A 88 -5.74 9.80 3.47
N TRP A 89 -4.56 9.48 2.94
CA TRP A 89 -3.93 8.20 3.18
C TRP A 89 -3.29 8.17 4.56
N GLN A 90 -3.18 6.96 5.11
CA GLN A 90 -2.77 6.77 6.49
C GLN A 90 -1.31 6.32 6.59
N GLU A 91 -0.52 7.08 7.33
CA GLU A 91 0.87 6.72 7.60
C GLU A 91 0.96 5.59 8.62
N GLU A 92 -0.17 4.99 8.95
CA GLU A 92 -0.21 3.85 9.85
C GLU A 92 0.35 2.59 9.18
N ASN A 93 0.18 2.50 7.87
CA ASN A 93 0.70 1.37 7.13
C ASN A 93 1.76 1.85 6.17
N THR A 94 1.86 3.16 6.07
CA THR A 94 2.92 3.79 5.32
C THR A 94 3.86 4.55 6.23
N LEU A 95 5.07 4.04 6.38
CA LEU A 95 6.04 4.63 7.29
C LEU A 95 7.36 4.89 6.60
N HIS A 96 7.70 6.16 6.47
CA HIS A 96 9.04 6.56 6.04
C HIS A 96 9.49 7.78 6.81
N GLU A 97 10.20 7.57 7.92
CA GLU A 97 10.85 8.66 8.61
C GLU A 97 12.21 8.21 9.10
N TRP A 98 13.22 8.41 8.28
CA TRP A 98 14.60 8.08 8.66
C TRP A 98 15.48 9.31 8.52
N ASP A 99 16.20 9.66 9.56
CA ASP A 99 17.00 10.87 9.53
C ASP A 99 18.49 10.57 9.47
N GLU A 100 19.22 11.49 8.87
CA GLU A 100 20.64 11.32 8.60
C GLU A 100 21.48 11.67 9.83
N GLY A 101 21.07 11.18 10.98
CA GLY A 101 21.80 11.44 12.20
C GLY A 101 21.32 12.68 12.91
N GLU A 102 20.41 13.42 12.28
CA GLU A 102 19.86 14.63 12.88
C GLU A 102 19.13 14.28 14.18
N PHE A 103 18.18 13.37 14.07
CA PHE A 103 17.59 12.75 15.24
C PHE A 103 17.28 11.30 14.87
N GLN A 104 17.04 10.46 15.86
CA GLN A 104 16.85 9.06 15.56
C GLN A 104 15.41 8.64 15.82
N LEU A 105 14.68 8.47 14.74
CA LEU A 105 13.37 7.87 14.75
C LEU A 105 13.37 6.72 13.77
N GLU A 106 13.29 5.50 14.28
CA GLU A 106 13.38 4.34 13.41
C GLU A 106 12.11 3.51 13.45
N PRO A 107 11.20 3.73 12.50
CA PRO A 107 10.04 2.87 12.30
C PRO A 107 10.44 1.64 11.50
N PRO A 108 10.02 0.44 11.95
CA PRO A 108 10.48 -0.83 11.40
C PRO A 108 10.42 -0.86 9.87
N LEU A 109 11.59 -0.86 9.25
CA LEU A 109 11.71 -0.85 7.79
C LEU A 109 11.11 -2.11 7.16
N ASP A 110 10.73 -3.07 8.00
CA ASP A 110 10.02 -4.26 7.55
C ASP A 110 9.56 -5.05 8.78
N THR A 111 10.29 -6.11 9.09
CA THR A 111 10.01 -7.02 10.20
C THR A 111 11.27 -7.83 10.47
N GLU A 112 11.87 -8.32 9.39
CA GLU A 112 13.07 -9.15 9.46
C GLU A 112 14.27 -8.39 10.02
N GLU A 113 14.05 -7.15 10.44
CA GLU A 113 15.12 -6.33 10.99
C GLU A 113 14.75 -5.84 12.39
N GLY A 114 13.79 -6.49 13.03
CA GLY A 114 13.45 -6.14 14.41
C GLY A 114 11.96 -6.04 14.66
N ARG A 115 11.21 -5.63 13.65
CA ARG A 115 9.74 -5.49 13.72
C ARG A 115 9.34 -4.46 14.78
N ALA A 116 10.26 -3.60 15.16
CA ALA A 116 10.01 -2.64 16.22
C ALA A 116 10.67 -1.31 15.92
N ALA A 117 11.97 -1.34 15.67
CA ALA A 117 12.70 -0.15 15.32
C ALA A 117 13.53 -0.38 14.07
N ALA A 118 14.25 -1.51 14.05
CA ALA A 118 15.15 -1.85 12.95
C ALA A 118 16.33 -0.90 12.92
N ASP A 119 17.37 -1.27 13.66
CA ASP A 119 18.58 -0.47 13.76
C ASP A 119 19.28 -0.37 12.42
N GLU A 120 19.07 0.75 11.73
CA GLU A 120 19.71 1.00 10.45
C GLU A 120 20.51 2.31 10.51
N TRP A 121 20.02 3.27 11.27
CA TRP A 121 20.67 4.56 11.35
C TRP A 121 21.14 4.88 12.76
N ASP A 122 21.84 6.00 12.91
CA ASP A 122 22.45 6.38 14.17
C ASP A 122 22.34 7.89 14.37
N GLU A 123 22.14 8.31 15.61
CA GLU A 123 22.08 9.73 15.93
C GLU A 123 23.48 10.29 16.20
N ARG A 124 23.84 11.34 15.48
CA ARG A 124 25.18 11.90 15.60
C ARG A 124 25.09 13.41 15.73
N MET A 1 6.31 -6.91 0.89
CA MET A 1 7.70 -6.60 0.50
C MET A 1 7.88 -6.36 -1.00
N THR A 2 6.93 -6.81 -1.81
CA THR A 2 6.97 -6.58 -3.24
C THR A 2 6.99 -5.08 -3.54
N MET A 3 8.14 -4.57 -3.92
CA MET A 3 8.29 -3.15 -4.16
C MET A 3 7.70 -2.75 -5.50
N TYR A 4 6.87 -1.73 -5.46
CA TYR A 4 6.33 -1.13 -6.66
C TYR A 4 7.13 0.13 -7.01
N ALA A 5 6.52 1.11 -7.63
CA ALA A 5 7.24 2.31 -8.02
C ALA A 5 7.11 3.43 -6.97
N THR A 6 5.91 3.58 -6.38
CA THR A 6 5.63 4.67 -5.44
C THR A 6 4.20 4.60 -4.92
N LEU A 7 3.83 5.57 -4.09
CA LEU A 7 2.50 5.65 -3.48
C LEU A 7 1.42 5.76 -4.56
N GLU A 8 1.64 6.64 -5.53
CA GLU A 8 0.66 6.87 -6.58
C GLU A 8 0.65 5.74 -7.63
N GLU A 9 1.77 5.06 -7.77
CA GLU A 9 1.95 4.05 -8.80
C GLU A 9 1.30 2.71 -8.49
N ALA A 10 1.61 2.17 -7.30
CA ALA A 10 1.28 0.78 -6.97
C ALA A 10 -0.20 0.46 -7.13
N ILE A 11 -1.04 1.44 -6.85
CA ILE A 11 -2.48 1.27 -6.98
C ILE A 11 -2.84 0.87 -8.41
N ASP A 12 -2.31 1.61 -9.38
CA ASP A 12 -2.61 1.39 -10.78
C ASP A 12 -1.98 0.08 -11.27
N ALA A 13 -0.82 -0.24 -10.73
CA ALA A 13 -0.14 -1.46 -11.11
C ALA A 13 -0.85 -2.69 -10.55
N ALA A 14 -1.42 -2.55 -9.34
CA ALA A 14 -2.05 -3.68 -8.68
C ALA A 14 -3.37 -4.03 -9.35
N ARG A 15 -4.17 -3.01 -9.67
CA ARG A 15 -5.42 -3.23 -10.38
C ARG A 15 -5.16 -3.84 -11.75
N GLU A 16 -4.08 -3.39 -12.39
CA GLU A 16 -3.73 -3.86 -13.72
C GLU A 16 -3.22 -5.30 -13.69
N GLU A 17 -2.24 -5.55 -12.82
CA GLU A 17 -1.62 -6.87 -12.71
C GLU A 17 -2.64 -7.91 -12.27
N PHE A 18 -3.53 -7.54 -11.36
CA PHE A 18 -4.56 -8.45 -10.88
C PHE A 18 -5.50 -8.80 -12.03
N LEU A 19 -5.92 -7.78 -12.79
CA LEU A 19 -6.80 -8.00 -13.92
C LEU A 19 -6.13 -8.87 -14.97
N ALA A 20 -4.82 -8.77 -15.06
CA ALA A 20 -4.04 -9.54 -16.03
C ALA A 20 -4.20 -11.05 -15.81
N ASP A 21 -4.57 -11.42 -14.59
CA ASP A 21 -4.75 -12.82 -14.24
C ASP A 21 -6.18 -13.26 -14.51
N ASN A 22 -7.08 -12.28 -14.53
CA ASN A 22 -8.51 -12.56 -14.64
C ASN A 22 -9.27 -11.33 -15.13
N PRO A 23 -9.13 -11.01 -16.43
CA PRO A 23 -9.78 -9.85 -17.04
C PRO A 23 -11.30 -9.93 -16.95
N GLY A 24 -11.92 -8.85 -16.48
CA GLY A 24 -13.37 -8.82 -16.40
C GLY A 24 -13.87 -9.05 -14.99
N ILE A 25 -12.96 -9.37 -14.08
CA ILE A 25 -13.31 -9.61 -12.69
C ILE A 25 -13.76 -8.33 -11.99
N ASP A 26 -13.49 -7.19 -12.62
CA ASP A 26 -13.99 -5.90 -12.14
C ASP A 26 -15.52 -5.88 -12.15
N ALA A 27 -16.13 -4.70 -12.18
CA ALA A 27 -17.59 -4.55 -12.11
C ALA A 27 -18.32 -5.38 -13.19
N GLU A 28 -17.55 -5.89 -14.14
CA GLU A 28 -18.10 -6.73 -15.20
C GLU A 28 -18.63 -8.04 -14.63
N ASP A 29 -17.84 -8.73 -13.82
CA ASP A 29 -18.25 -10.05 -13.32
C ASP A 29 -18.30 -10.12 -11.79
N ALA A 30 -17.29 -9.60 -11.11
CA ALA A 30 -17.23 -9.69 -9.66
C ALA A 30 -17.34 -8.33 -9.00
N ASN A 31 -17.82 -8.32 -7.76
CA ASN A 31 -17.97 -7.07 -7.02
C ASN A 31 -16.72 -6.79 -6.18
N VAL A 32 -15.68 -6.31 -6.84
CA VAL A 32 -14.39 -6.12 -6.21
C VAL A 32 -14.32 -4.81 -5.48
N GLN A 33 -14.99 -4.72 -4.35
CA GLN A 33 -14.86 -3.51 -3.56
C GLN A 33 -13.95 -3.78 -2.39
N GLN A 34 -12.76 -3.24 -2.46
CA GLN A 34 -11.88 -3.13 -1.31
C GLN A 34 -10.66 -2.31 -1.68
N PHE A 35 -10.34 -1.28 -0.90
CA PHE A 35 -9.06 -0.64 -1.07
C PHE A 35 -8.10 -1.13 0.01
N ASN A 36 -7.12 -1.90 -0.41
CA ASN A 36 -6.11 -2.44 0.49
C ASN A 36 -4.75 -1.93 0.09
N ALA A 37 -3.97 -1.44 1.05
CA ALA A 37 -2.63 -0.96 0.76
C ALA A 37 -1.75 -1.01 2.00
N GLN A 38 -0.47 -1.33 1.82
CA GLN A 38 0.50 -1.31 2.92
C GLN A 38 1.92 -1.55 2.42
N LYS A 39 2.87 -0.80 2.98
CA LYS A 39 4.24 -1.26 3.05
C LYS A 39 5.03 -0.48 4.07
N TYR A 40 5.99 -1.16 4.60
CA TYR A 40 6.85 -0.67 5.65
C TYR A 40 8.28 -0.66 5.13
N VAL A 41 8.84 0.52 4.91
CA VAL A 41 10.13 0.65 4.27
C VAL A 41 10.83 1.95 4.69
N LEU A 42 12.16 1.89 4.74
CA LEU A 42 13.00 3.04 5.07
C LEU A 42 12.81 4.17 4.07
N GLN A 43 13.36 5.34 4.41
CA GLN A 43 13.15 6.57 3.64
C GLN A 43 13.81 6.50 2.28
N ASP A 44 14.71 5.55 2.09
CA ASP A 44 15.44 5.42 0.84
C ASP A 44 14.50 4.96 -0.26
N GLY A 45 13.37 4.38 0.13
CA GLY A 45 12.38 4.00 -0.85
C GLY A 45 12.67 2.65 -1.49
N ASP A 46 13.66 1.95 -0.96
CA ASP A 46 14.06 0.61 -1.46
C ASP A 46 12.85 -0.21 -1.85
N ILE A 47 11.88 -0.24 -0.96
CA ILE A 47 10.64 -0.95 -1.20
C ILE A 47 9.50 0.06 -1.30
N MET A 48 8.56 -0.20 -2.18
CA MET A 48 7.37 0.64 -2.31
C MET A 48 6.17 -0.13 -1.79
N TRP A 49 5.00 0.49 -1.83
CA TRP A 49 3.86 -0.02 -1.06
C TRP A 49 3.02 -0.98 -1.91
N GLN A 50 2.35 -1.92 -1.25
CA GLN A 50 1.53 -2.90 -1.94
C GLN A 50 0.07 -2.49 -1.90
N VAL A 51 -0.68 -2.92 -2.91
CA VAL A 51 -2.10 -2.63 -2.97
C VAL A 51 -2.86 -3.91 -3.32
N GLU A 52 -3.95 -4.16 -2.62
CA GLU A 52 -4.75 -5.36 -2.84
C GLU A 52 -6.21 -4.98 -3.09
N PHE A 53 -6.94 -5.92 -3.68
CA PHE A 53 -8.36 -5.80 -3.89
C PHE A 53 -8.99 -7.18 -3.76
N PHE A 54 -10.11 -7.31 -3.07
CA PHE A 54 -10.81 -8.58 -3.06
C PHE A 54 -12.22 -8.41 -3.62
N ALA A 55 -12.76 -9.51 -4.14
CA ALA A 55 -13.94 -9.45 -4.99
C ALA A 55 -15.25 -9.46 -4.22
N ASP A 56 -15.18 -9.32 -2.91
CA ASP A 56 -16.39 -9.18 -2.12
C ASP A 56 -16.13 -8.35 -0.88
N GLU A 57 -16.67 -7.14 -0.86
CA GLU A 57 -16.53 -6.23 0.27
C GLU A 57 -16.84 -6.93 1.58
N GLY A 58 -15.87 -6.95 2.49
CA GLY A 58 -16.06 -7.63 3.75
C GLY A 58 -15.16 -8.85 3.89
N GLU A 59 -14.57 -9.26 2.78
CA GLU A 59 -13.57 -10.33 2.77
C GLU A 59 -12.29 -9.86 3.48
N GLU A 60 -11.17 -10.52 3.22
CA GLU A 60 -9.96 -10.22 3.96
C GLU A 60 -8.79 -9.82 3.06
N GLY A 61 -8.14 -8.73 3.43
CA GLY A 61 -6.89 -8.36 2.83
C GLY A 61 -5.83 -8.18 3.90
N GLU A 62 -4.57 -8.40 3.57
CA GLU A 62 -3.51 -8.30 4.57
C GLU A 62 -3.10 -6.86 4.78
N CYS A 63 -3.69 -5.99 3.99
CA CYS A 63 -3.31 -4.61 3.99
C CYS A 63 -4.22 -3.77 4.85
N LEU A 64 -4.00 -2.48 4.81
CA LEU A 64 -4.79 -1.52 5.54
C LEU A 64 -6.15 -1.34 4.88
N PRO A 65 -7.23 -1.76 5.55
CA PRO A 65 -8.60 -1.58 5.05
C PRO A 65 -8.94 -0.10 4.92
N MET A 66 -8.73 0.45 3.74
CA MET A 66 -8.90 1.88 3.53
C MET A 66 -10.32 2.18 3.09
N LEU A 67 -10.72 1.53 2.02
CA LEU A 67 -12.05 1.74 1.45
C LEU A 67 -12.75 0.42 1.25
N SER A 68 -14.05 0.50 1.04
CA SER A 68 -14.84 -0.66 0.71
C SER A 68 -16.18 -0.22 0.13
N GLY A 69 -16.43 -0.63 -1.10
CA GLY A 69 -17.62 -0.21 -1.80
C GLY A 69 -17.33 0.04 -3.26
N GLU A 70 -18.32 0.52 -4.01
CA GLU A 70 -18.18 0.72 -5.44
C GLU A 70 -17.03 1.67 -5.78
N ALA A 71 -16.66 2.55 -4.86
CA ALA A 71 -15.53 3.44 -5.07
C ALA A 71 -14.23 2.65 -5.13
N ALA A 72 -14.03 1.77 -4.15
CA ALA A 72 -12.87 0.88 -4.13
C ALA A 72 -12.87 -0.03 -5.35
N GLN A 73 -14.05 -0.44 -5.77
CA GLN A 73 -14.23 -1.22 -6.99
C GLN A 73 -13.83 -0.42 -8.22
N SER A 74 -14.15 0.87 -8.21
CA SER A 74 -13.72 1.77 -9.27
C SER A 74 -12.21 1.86 -9.28
N VAL A 75 -11.61 1.67 -8.11
CA VAL A 75 -10.17 1.65 -7.98
C VAL A 75 -9.59 0.42 -8.67
N PHE A 76 -10.31 -0.70 -8.61
CA PHE A 76 -9.89 -1.92 -9.28
C PHE A 76 -9.96 -1.73 -10.79
N ASP A 77 -10.99 -1.05 -11.26
CA ASP A 77 -11.15 -0.74 -12.68
C ASP A 77 -10.11 0.26 -13.14
N GLY A 78 -9.75 1.18 -12.26
CA GLY A 78 -8.77 2.20 -12.60
C GLY A 78 -9.40 3.56 -12.78
N ASP A 79 -10.58 3.76 -12.22
CA ASP A 79 -11.25 5.05 -12.30
C ASP A 79 -11.48 5.63 -10.91
N TYR A 80 -10.43 6.18 -10.34
CA TYR A 80 -10.48 6.74 -8.99
C TYR A 80 -9.66 8.02 -8.91
N ASP A 81 -10.09 8.94 -8.06
CA ASP A 81 -9.33 10.15 -7.81
C ASP A 81 -8.18 9.85 -6.86
N GLU A 82 -7.03 9.56 -7.42
CA GLU A 82 -5.88 9.11 -6.65
C GLU A 82 -5.42 10.15 -5.64
N ILE A 83 -5.52 11.42 -5.99
CA ILE A 83 -4.98 12.49 -5.15
C ILE A 83 -5.82 12.67 -3.89
N GLU A 84 -7.04 12.16 -3.88
CA GLU A 84 -7.86 12.24 -2.68
C GLU A 84 -7.41 11.18 -1.68
N ILE A 85 -7.40 9.93 -2.12
CA ILE A 85 -7.04 8.80 -1.25
C ILE A 85 -5.59 8.87 -0.80
N ARG A 86 -4.74 9.43 -1.63
CA ARG A 86 -3.32 9.58 -1.30
C ARG A 86 -3.11 10.63 -0.23
N GLN A 87 -3.81 11.75 -0.36
CA GLN A 87 -3.62 12.87 0.54
C GLN A 87 -4.36 12.68 1.86
N GLU A 88 -5.35 11.79 1.87
CA GLU A 88 -5.99 11.41 3.12
C GLU A 88 -5.58 9.99 3.49
N TRP A 89 -4.51 9.52 2.87
CA TRP A 89 -4.02 8.18 3.08
C TRP A 89 -3.64 7.99 4.54
N GLN A 90 -4.07 6.87 5.09
CA GLN A 90 -3.90 6.56 6.49
C GLN A 90 -2.50 6.00 6.76
N GLU A 91 -1.74 6.74 7.55
CA GLU A 91 -0.34 6.45 7.83
C GLU A 91 -0.16 5.24 8.75
N GLU A 92 -1.23 4.52 8.99
CA GLU A 92 -1.20 3.36 9.87
C GLU A 92 -0.28 2.27 9.30
N ASN A 93 -0.28 2.15 7.99
CA ASN A 93 0.50 1.11 7.32
C ASN A 93 1.53 1.71 6.37
N THR A 94 1.52 3.01 6.29
CA THR A 94 2.45 3.78 5.47
C THR A 94 3.91 3.57 5.91
N LEU A 95 4.82 3.92 5.01
CA LEU A 95 6.24 3.78 5.26
C LEU A 95 6.76 5.01 6.01
N HIS A 96 7.79 4.80 6.81
CA HIS A 96 8.38 5.88 7.59
C HIS A 96 9.53 6.55 6.87
N GLU A 97 9.31 7.77 6.43
CA GLU A 97 10.37 8.55 5.84
C GLU A 97 11.11 9.32 6.94
N TRP A 98 12.30 8.84 7.24
CA TRP A 98 13.14 9.43 8.28
C TRP A 98 13.53 10.86 7.94
N ASP A 99 14.15 11.54 8.89
CA ASP A 99 14.58 12.92 8.68
C ASP A 99 15.83 13.20 9.51
N GLU A 100 16.58 14.21 9.11
CA GLU A 100 17.86 14.52 9.72
C GLU A 100 17.73 15.54 10.86
N GLY A 101 16.76 15.33 11.73
CA GLY A 101 16.67 16.13 12.93
C GLY A 101 15.41 16.95 13.05
N GLU A 102 14.57 16.94 12.02
CA GLU A 102 13.30 17.65 12.08
C GLU A 102 12.42 17.04 13.17
N PHE A 103 12.42 15.72 13.25
CA PHE A 103 11.68 15.01 14.27
C PHE A 103 12.44 13.78 14.72
N GLN A 104 12.19 13.34 15.95
CA GLN A 104 12.81 12.15 16.48
C GLN A 104 11.94 10.94 16.16
N LEU A 105 12.41 10.11 15.24
CA LEU A 105 11.61 9.01 14.73
C LEU A 105 11.93 7.72 15.48
N GLU A 106 11.19 6.66 15.16
CA GLU A 106 11.33 5.35 15.80
C GLU A 106 12.74 4.75 15.62
N PRO A 107 13.01 3.58 16.24
CA PRO A 107 14.24 2.83 15.97
C PRO A 107 14.34 2.41 14.49
N PRO A 108 15.56 2.08 14.01
CA PRO A 108 15.82 1.77 12.60
C PRO A 108 14.88 0.72 12.03
N LEU A 109 14.72 0.71 10.70
CA LEU A 109 13.93 -0.31 10.04
C LEU A 109 14.44 -1.69 10.46
N ASP A 110 15.76 -1.83 10.37
CA ASP A 110 16.43 -3.08 10.68
C ASP A 110 17.93 -2.83 10.80
N THR A 111 18.58 -2.63 9.68
CA THR A 111 19.99 -2.30 9.65
C THR A 111 20.31 -1.50 8.38
N GLU A 112 19.27 -1.22 7.61
CA GLU A 112 19.41 -0.54 6.32
C GLU A 112 19.96 0.87 6.51
N GLU A 113 19.44 1.56 7.50
CA GLU A 113 19.80 2.94 7.77
C GLU A 113 21.07 3.02 8.62
N GLY A 114 21.83 1.93 8.62
CA GLY A 114 23.06 1.88 9.40
C GLY A 114 22.83 1.36 10.80
N ARG A 115 21.59 1.53 11.29
CA ARG A 115 21.16 1.03 12.58
C ARG A 115 21.66 1.90 13.73
N ALA A 116 20.70 2.48 14.45
CA ALA A 116 20.97 3.21 15.70
C ALA A 116 21.64 4.55 15.43
N ALA A 117 20.87 5.49 14.88
CA ALA A 117 21.31 6.86 14.68
C ALA A 117 22.52 6.94 13.75
N ALA A 118 22.66 5.95 12.87
CA ALA A 118 23.74 5.95 11.90
C ALA A 118 23.44 6.94 10.79
N ASP A 119 22.46 6.60 9.99
CA ASP A 119 21.93 7.51 8.98
C ASP A 119 20.53 7.91 9.39
N GLU A 120 20.31 7.85 10.70
CA GLU A 120 19.01 8.10 11.29
C GLU A 120 19.08 9.34 12.18
N TRP A 121 17.96 10.02 12.32
CA TRP A 121 17.84 11.18 13.22
C TRP A 121 18.74 12.33 12.76
N ASP A 122 18.91 13.32 13.63
CA ASP A 122 19.76 14.47 13.36
C ASP A 122 21.21 14.04 13.16
N GLU A 123 21.81 14.55 12.09
CA GLU A 123 23.20 14.26 11.77
C GLU A 123 24.13 15.20 12.54
N ARG A 124 23.54 16.28 13.06
CA ARG A 124 24.30 17.26 13.82
C ARG A 124 23.56 17.63 15.10
#